data_6LBH
#
_entry.id   6LBH
#
_cell.length_a   1.00
_cell.length_b   1.00
_cell.length_c   1.00
_cell.angle_alpha   90.00
_cell.angle_beta   90.00
_cell.angle_gamma   90.00
#
_symmetry.space_group_name_H-M   'P 1'
#
loop_
_entity.id
_entity.type
_entity.pdbx_description
1 polymer 'Magnesium transporter MgtE'
2 polymer 'Fab light chain'
3 polymer 'Fab heavy chain'
#
loop_
_entity_poly.entity_id
_entity_poly.type
_entity_poly.pdbx_seq_one_letter_code
_entity_poly.pdbx_strand_id
1 'polypeptide(L)'
;LVYSEAGPVALWLARVRWLVILILTGMVTSSILQGFESVLEAVTALAFYVPVLLGTGGNTGNQSATLIIRALATRDLDLR
DWRRVFLKEMGVGLLLGLTLSFLLVGKVYWDGHPLLLPVVGVSLVLIVFFANLVGAMLPFLLRRLGVDPALVSNPLVATL
SDVTGLLIYLSVARLLLE
;
A,B
2 'polypeptide(L)'
;DVLMTQTPLSLPVSLGDQASISCRSSQSLVHSDGNTYLHWYLQKPGQSPKLLIYKVSNRFSGVPDRFSGSGSGTDFTLKI
SRVEAEDLGVYFCSQSTHVPWTFGGGTKLEIKRADAAPTVSIFPPSSEQLTSGGASVVCFLNNFYPKDINVKWKIDGSER
QNGVLNSWTDQDSKDSTYSMSSTLTLTKDEYERHNSYTCEATHKTSTSPIVKSFNR
;
D,F
3 'polypeptide(L)'
;EVKLQESGVELVKPGASVKISCKASGYSFTGYNMNWVKQSHGKSLEWIGNISPYYGTSIYNQNFKGKATLTVDRSSSTAY
MQLNSLTSEDSAVYYCARGESFSNYEGYYAMDYWGQGTSVIVSSAKTTAPSVYPLAPVCGDTSGSSVTLGCLVKGYFPEP
VTLTWNSGSLSSGVHTFPAVLQSDLYTLSSSVTVTSSTWPSQSITCNVAHPASSTKVDKKIEPR
;
C,E
#
# COMPACT_ATOMS: atom_id res chain seq x y z
N LEU A 1 -5.07 -15.97 14.28
CA LEU A 1 -4.24 -17.08 14.75
C LEU A 1 -3.71 -17.91 13.58
N VAL A 2 -2.40 -18.13 13.56
CA VAL A 2 -1.82 -19.03 12.56
C VAL A 2 -2.31 -20.44 12.85
N TYR A 3 -2.74 -21.14 11.80
CA TYR A 3 -3.58 -22.32 11.98
C TYR A 3 -2.80 -23.62 12.00
N SER A 4 -2.08 -23.93 10.91
CA SER A 4 -1.56 -25.27 10.72
C SER A 4 -0.57 -25.71 11.78
N GLU A 5 -0.01 -24.78 12.56
CA GLU A 5 0.88 -25.19 13.64
C GLU A 5 0.11 -25.51 14.91
N ALA A 6 -1.00 -24.82 15.17
CA ALA A 6 -1.73 -24.99 16.42
C ALA A 6 -2.31 -26.38 16.53
N GLY A 7 -2.31 -26.92 17.75
CA GLY A 7 -2.91 -28.20 18.02
C GLY A 7 -4.37 -28.07 18.37
N PRO A 8 -5.03 -29.21 18.51
CA PRO A 8 -6.46 -29.20 18.87
C PRO A 8 -6.75 -28.40 20.13
N VAL A 9 -5.91 -28.53 21.16
CA VAL A 9 -6.13 -27.76 22.38
C VAL A 9 -5.90 -26.28 22.15
N ALA A 10 -4.87 -25.93 21.37
CA ALA A 10 -4.59 -24.53 21.10
C ALA A 10 -5.76 -23.87 20.39
N LEU A 11 -6.33 -24.53 19.38
CA LEU A 11 -7.54 -24.02 18.75
C LEU A 11 -8.68 -23.95 19.74
N TRP A 12 -8.92 -25.05 20.46
CA TRP A 12 -10.06 -25.15 21.36
C TRP A 12 -10.09 -24.01 22.36
N LEU A 13 -8.93 -23.56 22.84
CA LEU A 13 -8.94 -22.46 23.82
C LEU A 13 -9.71 -21.24 23.32
N ALA A 14 -9.24 -20.63 22.22
CA ALA A 14 -9.91 -19.45 21.71
C ALA A 14 -11.33 -19.76 21.27
N ARG A 15 -11.52 -20.89 20.60
CA ARG A 15 -12.84 -21.17 20.07
C ARG A 15 -13.86 -21.38 21.17
N VAL A 16 -13.51 -22.08 22.26
CA VAL A 16 -14.45 -22.23 23.35
C VAL A 16 -14.63 -20.90 24.07
N ARG A 17 -13.61 -20.05 24.13
CA ARG A 17 -13.83 -18.73 24.72
C ARG A 17 -14.99 -18.02 24.03
N TRP A 18 -14.93 -17.92 22.70
CA TRP A 18 -15.99 -17.18 22.03
C TRP A 18 -17.32 -17.93 22.06
N LEU A 19 -17.28 -19.26 21.89
CA LEU A 19 -18.53 -20.01 21.87
C LEU A 19 -19.21 -20.02 23.23
N VAL A 20 -18.45 -19.97 24.32
CA VAL A 20 -19.08 -19.91 25.63
C VAL A 20 -19.54 -18.50 25.96
N ILE A 21 -18.94 -17.48 25.33
CA ILE A 21 -19.59 -16.18 25.44
C ILE A 21 -20.94 -16.18 24.74
N LEU A 22 -21.07 -16.91 23.62
CA LEU A 22 -22.35 -16.92 22.91
C LEU A 22 -23.37 -17.89 23.50
N ILE A 23 -22.92 -18.96 24.17
CA ILE A 23 -23.86 -19.90 24.75
C ILE A 23 -24.65 -19.28 25.89
N LEU A 24 -24.16 -18.20 26.48
CA LEU A 24 -24.93 -17.51 27.52
C LEU A 24 -26.16 -16.82 26.93
N THR A 25 -25.98 -16.14 25.80
CA THR A 25 -27.14 -15.57 25.11
C THR A 25 -28.06 -16.67 24.61
N GLY A 26 -27.51 -17.81 24.19
CA GLY A 26 -28.35 -18.95 23.92
C GLY A 26 -29.18 -19.35 25.13
N MET A 27 -28.56 -19.34 26.31
CA MET A 27 -29.27 -19.64 27.54
C MET A 27 -30.43 -18.67 27.77
N VAL A 28 -30.20 -17.38 27.53
CA VAL A 28 -31.28 -16.43 27.83
C VAL A 28 -32.42 -16.56 26.83
N THR A 29 -32.14 -16.85 25.55
CA THR A 29 -33.25 -17.14 24.63
C THR A 29 -34.00 -18.39 25.05
N SER A 30 -33.28 -19.41 25.53
CA SER A 30 -33.95 -20.60 26.03
C SER A 30 -34.87 -20.26 27.20
N SER A 31 -34.40 -19.42 28.12
CA SER A 31 -35.22 -19.02 29.25
C SER A 31 -36.46 -18.26 28.80
N ILE A 32 -36.33 -17.39 27.80
CA ILE A 32 -37.49 -16.67 27.29
C ILE A 32 -38.54 -17.65 26.76
N LEU A 33 -38.11 -18.61 25.94
CA LEU A 33 -39.07 -19.58 25.44
C LEU A 33 -39.69 -20.39 26.56
N GLN A 34 -38.90 -20.79 27.55
CA GLN A 34 -39.46 -21.53 28.68
C GLN A 34 -40.50 -20.71 29.40
N GLY A 35 -40.27 -19.41 29.56
CA GLY A 35 -41.28 -18.55 30.15
C GLY A 35 -42.56 -18.53 29.34
N PHE A 36 -42.44 -18.47 28.02
CA PHE A 36 -43.62 -18.38 27.16
C PHE A 36 -44.23 -19.74 26.84
N GLU A 37 -43.71 -20.82 27.44
CA GLU A 37 -44.22 -22.18 27.20
C GLU A 37 -45.74 -22.29 27.17
N SER A 38 -46.44 -21.38 27.85
CA SER A 38 -47.89 -21.48 27.98
C SER A 38 -48.61 -21.38 26.65
N VAL A 39 -47.95 -20.89 25.60
CA VAL A 39 -48.59 -20.77 24.30
C VAL A 39 -48.07 -21.87 23.37
N LEU A 40 -46.82 -22.30 23.59
CA LEU A 40 -46.30 -23.45 22.85
C LEU A 40 -47.06 -24.71 23.19
N GLU A 41 -47.45 -24.87 24.46
CA GLU A 41 -48.33 -25.98 24.83
C GLU A 41 -49.68 -25.87 24.14
N ALA A 42 -50.25 -24.67 24.09
CA ALA A 42 -51.56 -24.50 23.47
C ALA A 42 -51.53 -24.83 21.99
N VAL A 43 -50.54 -24.33 21.26
CA VAL A 43 -50.35 -24.66 19.86
C VAL A 43 -48.88 -24.99 19.65
N THR A 44 -48.62 -26.15 19.03
CA THR A 44 -47.25 -26.62 18.85
C THR A 44 -46.67 -26.28 17.49
N ALA A 45 -47.40 -25.56 16.65
CA ALA A 45 -46.83 -25.06 15.41
C ALA A 45 -45.97 -23.84 15.61
N LEU A 46 -46.10 -23.15 16.74
CA LEU A 46 -45.29 -21.98 17.01
C LEU A 46 -43.81 -22.30 16.90
N ALA A 47 -43.38 -23.40 17.50
CA ALA A 47 -41.98 -23.78 17.46
C ALA A 47 -41.49 -24.09 16.05
N PHE A 48 -42.39 -24.32 15.10
CA PHE A 48 -41.96 -24.67 13.75
C PHE A 48 -41.26 -23.51 13.04
N TYR A 49 -41.39 -22.29 13.55
CA TYR A 49 -40.88 -21.13 12.85
C TYR A 49 -39.91 -20.30 13.68
N VAL A 50 -39.55 -20.77 14.87
CA VAL A 50 -38.50 -20.10 15.65
C VAL A 50 -37.19 -20.03 14.87
N PRO A 51 -36.69 -21.11 14.25
CA PRO A 51 -35.45 -20.98 13.49
C PRO A 51 -35.52 -19.99 12.34
N VAL A 52 -36.61 -19.99 11.56
CA VAL A 52 -36.67 -19.07 10.44
C VAL A 52 -36.83 -17.63 10.92
N LEU A 53 -37.63 -17.40 11.96
CA LEU A 53 -37.78 -16.05 12.48
C LEU A 53 -36.47 -15.53 13.05
N LEU A 54 -35.73 -16.36 13.78
CA LEU A 54 -34.45 -15.91 14.30
C LEU A 54 -33.41 -15.74 13.21
N GLY A 55 -33.41 -16.61 12.21
CA GLY A 55 -32.48 -16.46 11.11
C GLY A 55 -32.87 -15.39 10.13
N THR A 56 -34.02 -14.77 10.30
CA THR A 56 -34.31 -13.53 9.62
C THR A 56 -34.04 -12.31 10.50
N GLY A 57 -34.32 -12.39 11.79
CA GLY A 57 -34.00 -11.32 12.70
C GLY A 57 -32.51 -11.08 12.82
N GLY A 58 -31.78 -12.04 13.36
CA GLY A 58 -30.35 -11.91 13.55
C GLY A 58 -29.58 -11.97 12.24
N ASN A 59 -30.31 -11.90 11.14
CA ASN A 59 -29.74 -11.74 9.82
C ASN A 59 -29.94 -10.33 9.28
N THR A 60 -31.15 -9.80 9.40
CA THR A 60 -31.32 -8.37 9.17
C THR A 60 -30.40 -7.59 10.09
N GLY A 61 -30.14 -8.10 11.29
CA GLY A 61 -29.12 -7.49 12.13
C GLY A 61 -27.76 -7.50 11.46
N ASN A 62 -27.15 -8.67 11.32
CA ASN A 62 -25.81 -8.76 10.75
C ASN A 62 -25.72 -8.26 9.32
N GLN A 63 -26.83 -7.81 8.75
CA GLN A 63 -26.76 -7.11 7.46
C GLN A 63 -26.86 -5.61 7.60
N SER A 64 -27.78 -5.08 8.41
CA SER A 64 -27.85 -3.65 8.62
C SER A 64 -26.64 -3.14 9.40
N ALA A 65 -26.18 -3.90 10.40
CA ALA A 65 -24.98 -3.49 11.11
C ALA A 65 -23.78 -3.46 10.19
N THR A 66 -23.62 -4.44 9.31
CA THR A 66 -22.53 -4.39 8.35
C THR A 66 -22.68 -3.20 7.41
N LEU A 67 -23.90 -2.94 6.95
CA LEU A 67 -24.11 -1.83 6.04
C LEU A 67 -23.79 -0.49 6.69
N ILE A 68 -24.17 -0.31 7.95
CA ILE A 68 -23.88 0.93 8.65
C ILE A 68 -22.40 1.04 8.99
N ILE A 69 -21.77 -0.07 9.38
CA ILE A 69 -20.37 -0.01 9.77
C ILE A 69 -19.48 0.28 8.57
N ARG A 70 -19.71 -0.38 7.45
CA ARG A 70 -18.89 -0.11 6.28
C ARG A 70 -19.15 1.26 5.69
N ALA A 71 -20.22 1.94 6.11
CA ALA A 71 -20.48 3.31 5.68
C ALA A 71 -20.15 4.32 6.77
N LEU A 72 -19.85 3.86 7.97
CA LEU A 72 -19.40 4.68 9.07
C LEU A 72 -17.89 4.65 9.20
N ALA A 73 -17.25 3.68 8.58
CA ALA A 73 -15.80 3.54 8.55
C ALA A 73 -15.19 4.11 7.27
N THR A 74 -16.01 4.71 6.42
CA THR A 74 -15.53 5.50 5.30
C THR A 74 -16.01 6.94 5.39
N ARG A 75 -16.36 7.40 6.58
CA ARG A 75 -16.81 8.76 6.82
C ARG A 75 -17.98 9.14 5.92
N ASP A 76 -18.74 8.16 5.46
CA ASP A 76 -19.94 8.46 4.71
C ASP A 76 -21.05 8.92 5.65
N LEU A 77 -21.13 8.33 6.84
CA LEU A 77 -22.04 8.75 7.89
C LEU A 77 -21.21 9.22 9.07
N ASP A 78 -21.39 10.48 9.46
CA ASP A 78 -20.78 10.91 10.71
C ASP A 78 -21.59 10.35 11.88
N LEU A 79 -20.95 10.29 13.04
CA LEU A 79 -21.59 9.65 14.19
C LEU A 79 -22.83 10.39 14.65
N ARG A 80 -22.97 11.65 14.27
CA ARG A 80 -24.13 12.44 14.66
C ARG A 80 -25.30 12.27 13.72
N ASP A 81 -25.22 11.32 12.78
CA ASP A 81 -26.29 11.08 11.83
C ASP A 81 -27.20 9.93 12.24
N TRP A 82 -27.24 9.59 13.53
CA TRP A 82 -28.11 8.49 13.94
C TRP A 82 -29.57 8.84 13.70
N ARG A 83 -29.98 10.06 13.98
CA ARG A 83 -31.37 10.43 13.75
C ARG A 83 -31.72 10.57 12.29
N ARG A 84 -30.74 10.66 11.39
CA ARG A 84 -31.06 10.71 9.97
C ARG A 84 -31.04 9.33 9.34
N VAL A 85 -30.18 8.44 9.83
CA VAL A 85 -30.26 7.04 9.43
C VAL A 85 -31.41 6.33 10.12
N PHE A 86 -31.97 6.91 11.18
CA PHE A 86 -33.07 6.28 11.88
C PHE A 86 -34.34 6.31 11.04
N LEU A 87 -34.67 7.48 10.50
CA LEU A 87 -35.84 7.63 9.65
C LEU A 87 -35.60 7.08 8.24
N LYS A 88 -34.48 6.43 8.01
CA LYS A 88 -34.23 5.66 6.79
C LYS A 88 -34.23 4.17 7.04
N GLU A 89 -33.63 3.73 8.14
CA GLU A 89 -33.67 2.33 8.51
C GLU A 89 -35.05 1.91 8.99
N MET A 90 -35.82 2.79 9.61
CA MET A 90 -37.20 2.47 9.92
C MET A 90 -37.99 2.23 8.64
N GLY A 91 -37.81 3.10 7.65
CA GLY A 91 -38.51 2.94 6.39
C GLY A 91 -38.11 1.67 5.67
N VAL A 92 -36.82 1.40 5.58
CA VAL A 92 -36.37 0.17 4.92
C VAL A 92 -36.73 -1.07 5.70
N GLY A 93 -36.80 -0.99 7.04
CA GLY A 93 -37.25 -2.10 7.83
C GLY A 93 -38.71 -2.41 7.57
N LEU A 94 -39.54 -1.37 7.46
CA LEU A 94 -40.93 -1.61 7.07
C LEU A 94 -41.02 -2.22 5.69
N LEU A 95 -40.34 -1.61 4.72
CA LEU A 95 -40.43 -2.06 3.33
C LEU A 95 -39.75 -3.39 3.09
N LEU A 96 -39.01 -3.91 4.07
CA LEU A 96 -38.39 -5.21 3.97
C LEU A 96 -39.12 -6.27 4.78
N GLY A 97 -39.66 -5.91 5.94
CA GLY A 97 -40.55 -6.82 6.65
C GLY A 97 -41.79 -7.14 5.85
N LEU A 98 -42.34 -6.13 5.17
CA LEU A 98 -43.58 -6.36 4.42
C LEU A 98 -43.41 -7.33 3.27
N THR A 99 -42.17 -7.65 2.86
CA THR A 99 -41.95 -8.69 1.88
C THR A 99 -41.42 -9.99 2.47
N LEU A 100 -40.55 -9.91 3.49
CA LEU A 100 -40.11 -11.14 4.14
C LEU A 100 -41.28 -11.86 4.78
N SER A 101 -42.14 -11.13 5.51
CA SER A 101 -43.33 -11.75 6.06
C SER A 101 -44.29 -12.18 4.97
N PHE A 102 -44.32 -11.46 3.84
CA PHE A 102 -45.18 -11.88 2.74
C PHE A 102 -44.78 -13.24 2.21
N LEU A 103 -43.48 -13.53 2.17
CA LEU A 103 -43.05 -14.86 1.75
C LEU A 103 -43.27 -15.89 2.86
N LEU A 104 -43.00 -15.52 4.11
CA LEU A 104 -43.14 -16.49 5.19
C LEU A 104 -44.59 -16.87 5.47
N VAL A 105 -45.55 -15.96 5.26
CA VAL A 105 -46.94 -16.34 5.42
C VAL A 105 -47.36 -17.31 4.33
N GLY A 106 -46.83 -17.14 3.11
CA GLY A 106 -47.04 -18.15 2.09
C GLY A 106 -46.50 -19.50 2.53
N LYS A 107 -45.32 -19.52 3.13
CA LYS A 107 -44.79 -20.77 3.65
C LYS A 107 -45.70 -21.36 4.72
N VAL A 108 -46.17 -20.52 5.65
CA VAL A 108 -47.03 -21.02 6.73
C VAL A 108 -48.32 -21.61 6.15
N TYR A 109 -48.91 -20.92 5.18
CA TYR A 109 -50.11 -21.43 4.54
C TYR A 109 -49.85 -22.75 3.84
N TRP A 110 -48.74 -22.86 3.11
CA TRP A 110 -48.42 -24.13 2.46
C TRP A 110 -48.23 -25.23 3.49
N ASP A 111 -47.71 -24.90 4.67
CA ASP A 111 -47.66 -25.87 5.75
C ASP A 111 -49.06 -26.28 6.19
N GLY A 112 -49.97 -25.32 6.28
CA GLY A 112 -51.33 -25.63 6.67
C GLY A 112 -51.62 -25.38 8.14
N HIS A 113 -51.24 -24.19 8.62
CA HIS A 113 -51.55 -23.74 9.98
C HIS A 113 -52.25 -22.39 9.87
N PRO A 114 -53.53 -22.38 9.49
CA PRO A 114 -54.24 -21.11 9.35
C PRO A 114 -54.30 -20.29 10.61
N LEU A 115 -54.30 -20.92 11.79
CA LEU A 115 -54.24 -20.18 13.03
C LEU A 115 -52.89 -19.51 13.25
N LEU A 116 -51.87 -19.91 12.48
CA LEU A 116 -50.54 -19.33 12.56
C LEU A 116 -50.32 -18.19 11.58
N LEU A 117 -51.17 -18.07 10.56
CA LEU A 117 -50.96 -17.03 9.56
C LEU A 117 -50.92 -15.63 10.13
N PRO A 118 -51.88 -15.18 10.95
CA PRO A 118 -51.80 -13.81 11.48
C PRO A 118 -50.61 -13.59 12.39
N VAL A 119 -50.29 -14.55 13.26
CA VAL A 119 -49.20 -14.34 14.20
C VAL A 119 -47.87 -14.30 13.48
N VAL A 120 -47.67 -15.19 12.50
CA VAL A 120 -46.43 -15.13 11.74
C VAL A 120 -46.36 -13.86 10.92
N GLY A 121 -47.47 -13.44 10.30
CA GLY A 121 -47.45 -12.23 9.50
C GLY A 121 -47.11 -10.99 10.30
N VAL A 122 -47.69 -10.85 11.49
CA VAL A 122 -47.35 -9.72 12.34
C VAL A 122 -45.93 -9.87 12.88
N SER A 123 -45.54 -11.10 13.24
CA SER A 123 -44.31 -11.30 13.96
C SER A 123 -43.08 -11.14 13.08
N LEU A 124 -43.11 -11.62 11.83
CA LEU A 124 -41.93 -11.44 11.01
C LEU A 124 -41.69 -9.97 10.71
N VAL A 125 -42.76 -9.20 10.49
CA VAL A 125 -42.59 -7.77 10.31
C VAL A 125 -42.06 -7.11 11.58
N LEU A 126 -42.60 -7.50 12.74
CA LEU A 126 -42.16 -6.86 13.97
C LEU A 126 -40.81 -7.37 14.47
N ILE A 127 -40.29 -8.44 13.89
CA ILE A 127 -38.91 -8.86 14.18
C ILE A 127 -37.94 -8.22 13.20
N VAL A 128 -38.28 -8.20 11.91
CA VAL A 128 -37.43 -7.52 10.95
C VAL A 128 -37.31 -6.04 11.29
N PHE A 129 -38.41 -5.43 11.75
CA PHE A 129 -38.40 -4.01 12.09
C PHE A 129 -37.47 -3.73 13.27
N PHE A 130 -37.75 -4.35 14.42
CA PHE A 130 -36.97 -4.11 15.63
C PHE A 130 -35.69 -4.91 15.66
N ALA A 131 -35.33 -5.55 14.55
CA ALA A 131 -33.98 -6.07 14.37
C ALA A 131 -33.18 -5.21 13.41
N ASN A 132 -33.83 -4.63 12.42
CA ASN A 132 -33.18 -3.65 11.56
C ASN A 132 -32.82 -2.39 12.34
N LEU A 133 -33.75 -1.87 13.14
CA LEU A 133 -33.43 -0.70 13.94
C LEU A 133 -32.32 -0.99 14.94
N VAL A 134 -32.35 -2.16 15.59
CA VAL A 134 -31.32 -2.46 16.57
C VAL A 134 -30.01 -2.89 15.91
N GLY A 135 -30.04 -3.23 14.62
CA GLY A 135 -28.81 -3.50 13.92
C GLY A 135 -28.22 -2.25 13.33
N ALA A 136 -29.03 -1.21 13.18
CA ALA A 136 -28.56 0.06 12.67
C ALA A 136 -28.10 1.00 13.77
N MET A 137 -28.75 1.00 14.92
CA MET A 137 -28.28 1.76 16.08
C MET A 137 -27.40 0.94 17.00
N LEU A 138 -26.95 -0.22 16.57
CA LEU A 138 -25.90 -0.85 17.34
C LEU A 138 -24.54 -0.24 17.03
N PRO A 139 -24.18 0.01 15.77
CA PRO A 139 -22.89 0.64 15.51
C PRO A 139 -22.77 2.04 16.07
N PHE A 140 -23.84 2.85 16.01
CA PHE A 140 -23.76 4.18 16.60
C PHE A 140 -23.61 4.10 18.11
N LEU A 141 -24.38 3.22 18.76
CA LEU A 141 -24.26 3.08 20.20
C LEU A 141 -22.89 2.56 20.60
N LEU A 142 -22.33 1.64 19.82
CA LEU A 142 -21.00 1.12 20.12
C LEU A 142 -19.93 2.19 19.95
N ARG A 143 -19.95 2.90 18.82
CA ARG A 143 -18.98 3.95 18.61
C ARG A 143 -19.17 5.12 19.55
N ARG A 144 -20.36 5.25 20.14
CA ARG A 144 -20.57 6.29 21.14
C ARG A 144 -20.17 5.81 22.52
N LEU A 145 -20.08 4.50 22.71
CA LEU A 145 -19.54 3.96 23.95
C LEU A 145 -18.01 3.92 23.95
N GLY A 146 -17.39 4.09 22.79
CA GLY A 146 -15.94 4.08 22.69
C GLY A 146 -15.34 2.86 22.04
N VAL A 147 -16.16 1.93 21.54
CA VAL A 147 -15.68 0.69 20.95
C VAL A 147 -15.89 0.74 19.44
N ASP A 148 -14.91 0.24 18.70
CA ASP A 148 -15.01 0.10 17.27
C ASP A 148 -16.18 -0.82 16.93
N PRO A 149 -17.17 -0.36 16.18
CA PRO A 149 -18.34 -1.21 15.92
C PRO A 149 -18.03 -2.49 15.19
N ALA A 150 -17.11 -2.48 14.22
CA ALA A 150 -16.87 -3.68 13.42
C ALA A 150 -16.35 -4.83 14.24
N LEU A 151 -15.75 -4.55 15.41
CA LEU A 151 -15.22 -5.61 16.26
C LEU A 151 -16.35 -6.42 16.89
N VAL A 152 -17.20 -5.75 17.67
CA VAL A 152 -18.11 -6.42 18.59
C VAL A 152 -19.55 -6.17 18.16
N SER A 153 -19.79 -6.04 16.86
CA SER A 153 -21.16 -5.94 16.37
C SER A 153 -21.70 -7.25 15.81
N ASN A 154 -20.88 -8.02 15.11
CA ASN A 154 -21.37 -9.25 14.50
C ASN A 154 -22.02 -10.21 15.51
N PRO A 155 -21.44 -10.50 16.67
CA PRO A 155 -22.15 -11.36 17.62
C PRO A 155 -23.21 -10.61 18.41
N LEU A 156 -22.93 -9.35 18.73
CA LEU A 156 -23.80 -8.59 19.60
C LEU A 156 -25.16 -8.35 18.97
N VAL A 157 -25.20 -7.99 17.69
CA VAL A 157 -26.50 -7.79 17.06
C VAL A 157 -27.22 -9.10 16.87
N ALA A 158 -26.50 -10.21 16.66
CA ALA A 158 -27.17 -11.50 16.54
C ALA A 158 -27.86 -11.88 17.84
N THR A 159 -27.18 -11.66 18.98
CA THR A 159 -27.82 -11.98 20.27
C THR A 159 -28.96 -11.01 20.56
N LEU A 160 -28.71 -9.71 20.42
CA LEU A 160 -29.73 -8.71 20.69
C LEU A 160 -30.90 -8.79 19.72
N SER A 161 -30.76 -9.52 18.63
CA SER A 161 -31.87 -9.71 17.72
C SER A 161 -32.57 -11.04 17.89
N ASP A 162 -31.87 -12.12 18.26
CA ASP A 162 -32.62 -13.35 18.51
C ASP A 162 -33.39 -13.27 19.83
N VAL A 163 -32.82 -12.61 20.84
CA VAL A 163 -33.57 -12.42 22.09
C VAL A 163 -34.85 -11.66 21.82
N THR A 164 -34.75 -10.53 21.11
CA THR A 164 -35.90 -9.69 20.82
C THR A 164 -36.68 -10.16 19.60
N GLY A 165 -36.29 -11.27 18.99
CA GLY A 165 -37.12 -11.90 18.00
C GLY A 165 -38.03 -12.90 18.69
N LEU A 166 -37.48 -13.67 19.62
CA LEU A 166 -38.32 -14.51 20.46
C LEU A 166 -39.30 -13.67 21.28
N LEU A 167 -38.79 -12.63 21.94
CA LEU A 167 -39.61 -11.84 22.85
C LEU A 167 -40.71 -11.11 22.12
N ILE A 168 -40.61 -10.97 20.80
CA ILE A 168 -41.69 -10.36 20.02
C ILE A 168 -42.59 -11.41 19.40
N TYR A 169 -42.02 -12.49 18.86
CA TYR A 169 -42.83 -13.55 18.26
C TYR A 169 -43.75 -14.18 19.28
N LEU A 170 -43.22 -14.55 20.43
CA LEU A 170 -44.04 -15.17 21.47
C LEU A 170 -45.07 -14.20 22.03
N SER A 171 -44.71 -12.94 22.21
CA SER A 171 -45.68 -11.96 22.70
C SER A 171 -46.82 -11.77 21.71
N VAL A 172 -46.51 -11.69 20.42
CA VAL A 172 -47.55 -11.58 19.41
C VAL A 172 -48.39 -12.85 19.39
N ALA A 173 -47.77 -14.01 19.64
CA ALA A 173 -48.53 -15.25 19.73
C ALA A 173 -49.52 -15.20 20.89
N ARG A 174 -49.07 -14.71 22.05
CA ARG A 174 -49.98 -14.59 23.19
C ARG A 174 -51.09 -13.59 22.92
N LEU A 175 -50.81 -12.52 22.18
CA LEU A 175 -51.84 -11.54 21.84
C LEU A 175 -52.82 -12.05 20.79
N LEU A 176 -52.40 -12.93 19.89
CA LEU A 176 -53.24 -13.34 18.78
C LEU A 176 -53.87 -14.71 18.92
N LEU A 177 -53.43 -15.53 19.87
CA LEU A 177 -54.00 -16.85 20.06
C LEU A 177 -54.65 -17.04 21.43
N GLU A 178 -53.94 -16.73 22.50
CA GLU A 178 -54.48 -16.92 23.84
C GLU A 178 -54.03 -15.81 24.78
N LEU B 1 -22.01 -0.81 -1.20
CA LEU B 1 -22.96 0.24 -1.60
C LEU B 1 -22.75 1.50 -0.78
N VAL B 2 -22.58 2.63 -1.46
CA VAL B 2 -22.53 3.91 -0.76
C VAL B 2 -23.89 4.19 -0.16
N TYR B 3 -23.91 4.60 1.10
CA TYR B 3 -25.12 4.53 1.92
C TYR B 3 -25.93 5.81 1.91
N SER B 4 -25.33 6.93 2.33
CA SER B 4 -26.11 8.11 2.66
C SER B 4 -26.85 8.68 1.46
N GLU B 5 -26.47 8.32 0.23
CA GLU B 5 -27.22 8.77 -0.92
C GLU B 5 -28.37 7.85 -1.26
N ALA B 6 -28.21 6.55 -1.02
CA ALA B 6 -29.20 5.56 -1.42
C ALA B 6 -30.52 5.79 -0.69
N GLY B 7 -31.61 5.54 -1.40
CA GLY B 7 -32.93 5.67 -0.85
C GLY B 7 -33.45 4.36 -0.28
N PRO B 8 -34.52 4.45 0.50
CA PRO B 8 -35.11 3.24 1.07
C PRO B 8 -35.46 2.19 0.04
N VAL B 9 -35.89 2.58 -1.16
CA VAL B 9 -36.24 1.61 -2.17
C VAL B 9 -35.02 0.80 -2.61
N ALA B 10 -33.90 1.47 -2.88
CA ALA B 10 -32.71 0.75 -3.30
C ALA B 10 -32.14 -0.10 -2.18
N LEU B 11 -32.11 0.44 -0.95
CA LEU B 11 -31.65 -0.34 0.18
C LEU B 11 -32.48 -1.60 0.36
N TRP B 12 -33.81 -1.44 0.33
CA TRP B 12 -34.69 -2.60 0.39
C TRP B 12 -34.40 -3.56 -0.74
N LEU B 13 -34.16 -3.05 -1.96
CA LEU B 13 -33.93 -3.93 -3.09
C LEU B 13 -32.75 -4.86 -2.84
N ALA B 14 -31.59 -4.29 -2.49
CA ALA B 14 -30.42 -5.14 -2.27
C ALA B 14 -30.61 -6.07 -1.08
N ARG B 15 -31.08 -5.52 0.03
CA ARG B 15 -31.15 -6.33 1.24
C ARG B 15 -32.19 -7.45 1.11
N VAL B 16 -33.29 -7.20 0.42
CA VAL B 16 -34.24 -8.30 0.20
C VAL B 16 -33.67 -9.29 -0.81
N ARG B 17 -32.85 -8.84 -1.77
CA ARG B 17 -32.21 -9.79 -2.67
C ARG B 17 -31.41 -10.83 -1.90
N TRP B 18 -30.81 -10.41 -0.77
CA TRP B 18 -30.10 -11.43 0.02
C TRP B 18 -31.02 -12.16 0.99
N LEU B 19 -31.95 -11.43 1.61
CA LEU B 19 -32.77 -12.03 2.65
C LEU B 19 -33.79 -13.02 2.10
N VAL B 20 -34.15 -12.94 0.82
CA VAL B 20 -35.04 -13.96 0.28
C VAL B 20 -34.35 -15.32 0.26
N ILE B 21 -33.08 -15.36 -0.14
CA ILE B 21 -32.35 -16.63 -0.10
C ILE B 21 -32.24 -17.13 1.32
N LEU B 22 -31.91 -16.22 2.25
CA LEU B 22 -31.78 -16.69 3.64
C LEU B 22 -33.10 -17.15 4.24
N ILE B 23 -34.22 -16.54 3.85
CA ILE B 23 -35.50 -17.03 4.37
C ILE B 23 -36.01 -18.26 3.62
N LEU B 24 -35.51 -18.52 2.41
CA LEU B 24 -35.74 -19.83 1.81
C LEU B 24 -35.06 -20.92 2.63
N THR B 25 -33.82 -20.68 3.04
CA THR B 25 -33.17 -21.66 3.93
C THR B 25 -33.90 -21.78 5.25
N GLY B 26 -34.38 -20.67 5.80
CA GLY B 26 -35.22 -20.74 6.98
C GLY B 26 -36.50 -21.54 6.75
N MET B 27 -37.07 -21.42 5.56
CA MET B 27 -38.23 -22.24 5.20
C MET B 27 -37.88 -23.72 5.25
N VAL B 28 -36.71 -24.09 4.74
CA VAL B 28 -36.28 -25.48 4.82
C VAL B 28 -36.17 -25.94 6.28
N THR B 29 -35.56 -25.12 7.14
CA THR B 29 -35.47 -25.50 8.55
C THR B 29 -36.84 -25.64 9.19
N SER B 30 -37.78 -24.75 8.84
CA SER B 30 -39.13 -24.85 9.37
C SER B 30 -39.79 -26.16 8.95
N SER B 31 -39.63 -26.54 7.69
CA SER B 31 -40.20 -27.81 7.24
C SER B 31 -39.57 -28.99 7.99
N ILE B 32 -38.26 -28.93 8.22
CA ILE B 32 -37.62 -30.01 8.96
C ILE B 32 -38.22 -30.14 10.35
N LEU B 33 -38.42 -29.02 11.05
CA LEU B 33 -39.07 -29.13 12.35
C LEU B 33 -40.50 -29.67 12.23
N GLN B 34 -41.25 -29.19 11.23
CA GLN B 34 -42.63 -29.64 11.09
C GLN B 34 -42.70 -31.15 10.91
N GLY B 35 -41.68 -31.72 10.28
CA GLY B 35 -41.63 -33.17 10.14
C GLY B 35 -41.59 -33.93 11.44
N PHE B 36 -41.10 -33.31 12.52
CA PHE B 36 -40.90 -33.99 13.79
C PHE B 36 -41.90 -33.56 14.86
N GLU B 37 -43.09 -33.12 14.44
CA GLU B 37 -44.07 -32.62 15.40
C GLU B 37 -44.47 -33.66 16.43
N SER B 38 -44.30 -34.95 16.11
CA SER B 38 -44.73 -36.02 17.00
C SER B 38 -43.92 -36.10 18.28
N VAL B 39 -42.76 -35.45 18.34
CA VAL B 39 -41.96 -35.48 19.55
C VAL B 39 -42.12 -34.14 20.28
N LEU B 40 -42.33 -33.07 19.52
CA LEU B 40 -42.61 -31.78 20.14
C LEU B 40 -43.94 -31.80 20.86
N GLU B 41 -44.96 -32.47 20.30
CA GLU B 41 -46.20 -32.65 21.02
C GLU B 41 -46.00 -33.49 22.28
N ALA B 42 -45.18 -34.55 22.18
CA ALA B 42 -44.96 -35.42 23.34
C ALA B 42 -44.29 -34.66 24.47
N VAL B 43 -43.24 -33.92 24.18
CA VAL B 43 -42.58 -33.05 25.15
C VAL B 43 -42.37 -31.69 24.52
N THR B 44 -42.82 -30.64 25.20
CA THR B 44 -42.74 -29.30 24.67
C THR B 44 -41.54 -28.52 25.20
N ALA B 45 -40.69 -29.14 26.00
CA ALA B 45 -39.43 -28.52 26.38
C ALA B 45 -38.42 -28.57 25.26
N LEU B 46 -38.60 -29.47 24.29
CA LEU B 46 -37.67 -29.57 23.17
C LEU B 46 -37.51 -28.24 22.48
N ALA B 47 -38.62 -27.55 22.21
CA ALA B 47 -38.58 -26.27 21.53
C ALA B 47 -37.86 -25.19 22.32
N PHE B 48 -37.67 -25.37 23.63
CA PHE B 48 -37.01 -24.34 24.42
C PHE B 48 -35.56 -24.15 24.05
N TYR B 49 -34.95 -25.11 23.36
CA TYR B 49 -33.52 -25.09 23.10
C TYR B 49 -33.18 -25.14 21.63
N VAL B 50 -34.18 -25.09 20.75
CA VAL B 50 -33.89 -24.95 19.32
C VAL B 50 -33.10 -23.69 19.03
N PRO B 51 -33.45 -22.51 19.56
CA PRO B 51 -32.63 -21.33 19.27
C PRO B 51 -31.21 -21.44 19.79
N VAL B 52 -31.00 -21.96 21.00
CA VAL B 52 -29.64 -22.03 21.51
C VAL B 52 -28.82 -23.06 20.75
N LEU B 53 -29.41 -24.21 20.42
CA LEU B 53 -28.68 -25.22 19.66
C LEU B 53 -28.34 -24.72 18.27
N LEU B 54 -29.29 -24.08 17.58
CA LEU B 54 -28.98 -23.54 16.26
C LEU B 54 -27.96 -22.43 16.32
N GLY B 55 -28.04 -21.57 17.34
CA GLY B 55 -27.02 -20.54 17.48
C GLY B 55 -25.65 -21.14 17.67
N THR B 56 -25.52 -22.13 18.55
CA THR B 56 -24.21 -22.74 18.76
C THR B 56 -23.73 -23.48 17.51
N GLY B 57 -24.64 -24.14 16.80
CA GLY B 57 -24.28 -24.79 15.56
C GLY B 57 -23.77 -23.81 14.51
N GLY B 58 -24.65 -22.92 14.05
CA GLY B 58 -24.27 -21.92 13.06
C GLY B 58 -23.31 -20.87 13.56
N ASN B 59 -22.87 -20.97 14.81
CA ASN B 59 -21.77 -20.17 15.32
C ASN B 59 -20.45 -20.92 15.25
N THR B 60 -20.44 -22.20 15.63
CA THR B 60 -19.27 -23.01 15.37
C THR B 60 -18.99 -23.06 13.88
N GLY B 61 -20.04 -23.04 13.06
CA GLY B 61 -19.83 -22.91 11.63
C GLY B 61 -19.09 -21.64 11.28
N ASN B 62 -19.73 -20.49 11.43
CA ASN B 62 -19.10 -19.22 11.06
C ASN B 62 -17.86 -18.91 11.88
N GLN B 63 -17.46 -19.78 12.80
CA GLN B 63 -16.15 -19.62 13.40
C GLN B 63 -15.11 -20.52 12.74
N SER B 64 -15.40 -21.80 12.54
CA SER B 64 -14.45 -22.66 11.85
C SER B 64 -14.26 -22.24 10.40
N ALA B 65 -15.35 -21.84 9.73
CA ALA B 65 -15.25 -21.42 8.34
C ALA B 65 -14.35 -20.19 8.22
N THR B 66 -14.52 -19.21 9.09
CA THR B 66 -13.67 -18.03 8.99
C THR B 66 -12.32 -18.23 9.68
N LEU B 67 -12.10 -19.38 10.31
CA LEU B 67 -10.77 -19.75 10.72
C LEU B 67 -10.00 -20.46 9.61
N ILE B 68 -10.72 -21.18 8.75
CA ILE B 68 -10.07 -21.85 7.63
C ILE B 68 -9.93 -20.90 6.45
N ILE B 69 -10.84 -19.94 6.28
CA ILE B 69 -10.72 -19.00 5.17
C ILE B 69 -9.44 -18.20 5.28
N ARG B 70 -9.14 -17.68 6.46
CA ARG B 70 -7.89 -16.95 6.64
C ARG B 70 -6.69 -17.86 6.41
N ALA B 71 -6.70 -19.05 7.00
CA ALA B 71 -5.58 -19.95 6.85
C ALA B 71 -5.42 -20.45 5.42
N LEU B 72 -6.45 -20.32 4.60
CA LEU B 72 -6.40 -20.71 3.20
C LEU B 72 -6.08 -19.55 2.28
N ALA B 73 -6.31 -18.32 2.74
CA ALA B 73 -6.01 -17.12 1.98
C ALA B 73 -4.72 -16.47 2.42
N THR B 74 -4.00 -17.08 3.37
CA THR B 74 -2.62 -16.73 3.64
C THR B 74 -1.68 -17.87 3.28
N ARG B 75 -2.13 -18.79 2.43
CA ARG B 75 -1.34 -19.93 1.97
C ARG B 75 -0.79 -20.74 3.15
N ASP B 76 -1.51 -20.75 4.26
CA ASP B 76 -1.11 -21.60 5.37
C ASP B 76 -1.60 -23.03 5.13
N LEU B 77 -2.67 -23.19 4.38
CA LEU B 77 -3.20 -24.49 3.97
C LEU B 77 -3.35 -24.50 2.46
N ASP B 78 -3.60 -25.69 1.91
CA ASP B 78 -3.78 -25.88 0.48
C ASP B 78 -4.94 -26.84 0.25
N LEU B 79 -5.52 -26.76 -0.94
CA LEU B 79 -6.68 -27.59 -1.24
C LEU B 79 -6.38 -29.08 -1.16
N ARG B 80 -5.12 -29.48 -1.22
CA ARG B 80 -4.78 -30.86 -0.98
C ARG B 80 -4.48 -31.14 0.47
N ASP B 81 -4.65 -30.14 1.34
CA ASP B 81 -4.40 -30.30 2.76
C ASP B 81 -5.71 -30.32 3.55
N TRP B 82 -6.73 -31.00 3.02
CA TRP B 82 -7.98 -31.09 3.75
C TRP B 82 -8.02 -32.29 4.66
N ARG B 83 -7.37 -33.40 4.30
CA ARG B 83 -7.39 -34.55 5.18
C ARG B 83 -6.52 -34.37 6.41
N ARG B 84 -5.69 -33.34 6.46
CA ARG B 84 -4.93 -33.08 7.68
C ARG B 84 -5.65 -32.09 8.57
N VAL B 85 -6.39 -31.15 8.01
CA VAL B 85 -7.28 -30.32 8.81
C VAL B 85 -8.53 -31.08 9.23
N PHE B 86 -8.82 -32.21 8.57
CA PHE B 86 -10.01 -32.97 8.91
C PHE B 86 -9.83 -33.69 10.25
N LEU B 87 -8.70 -34.37 10.41
CA LEU B 87 -8.37 -35.05 11.66
C LEU B 87 -7.91 -34.09 12.72
N LYS B 88 -7.97 -32.79 12.48
CA LYS B 88 -7.75 -31.77 13.49
C LYS B 88 -9.04 -31.07 13.88
N GLU B 89 -9.89 -30.77 12.91
CA GLU B 89 -11.20 -30.22 13.19
C GLU B 89 -12.15 -31.23 13.81
N MET B 90 -12.00 -32.52 13.50
CA MET B 90 -12.74 -33.53 14.23
C MET B 90 -12.35 -33.54 15.70
N GLY B 91 -11.05 -33.47 15.98
CA GLY B 91 -10.60 -33.44 17.35
C GLY B 91 -11.05 -32.21 18.11
N VAL B 92 -10.89 -31.03 17.50
CA VAL B 92 -11.36 -29.82 18.17
C VAL B 92 -12.88 -29.79 18.25
N GLY B 93 -13.59 -30.43 17.32
CA GLY B 93 -15.02 -30.52 17.43
C GLY B 93 -15.45 -31.37 18.62
N LEU B 94 -14.76 -32.48 18.86
CA LEU B 94 -15.06 -33.27 20.04
C LEU B 94 -14.74 -32.49 21.32
N LEU B 95 -13.54 -31.91 21.38
CA LEU B 95 -13.12 -31.17 22.57
C LEU B 95 -13.88 -29.87 22.75
N LEU B 96 -14.66 -29.46 21.76
CA LEU B 96 -15.53 -28.30 21.88
C LEU B 96 -16.96 -28.69 22.17
N GLY B 97 -17.41 -29.81 21.64
CA GLY B 97 -18.72 -30.32 21.99
C GLY B 97 -18.81 -30.68 23.45
N LEU B 98 -17.77 -31.31 23.99
CA LEU B 98 -17.80 -31.62 25.41
C LEU B 98 -17.94 -30.36 26.24
N THR B 99 -17.14 -29.33 25.95
CA THR B 99 -17.11 -28.13 26.77
C THR B 99 -18.26 -27.17 26.50
N LEU B 100 -19.05 -27.37 25.45
CA LEU B 100 -20.30 -26.64 25.32
C LEU B 100 -21.50 -27.40 25.86
N SER B 101 -21.57 -28.72 25.62
CA SER B 101 -22.65 -29.50 26.20
C SER B 101 -22.56 -29.50 27.72
N PHE B 102 -21.35 -29.45 28.28
CA PHE B 102 -21.22 -29.44 29.73
C PHE B 102 -21.87 -28.21 30.34
N LEU B 103 -21.99 -27.12 29.59
CA LEU B 103 -22.71 -25.94 30.07
C LEU B 103 -24.17 -25.95 29.70
N LEU B 104 -24.52 -26.45 28.52
CA LEU B 104 -25.93 -26.47 28.16
C LEU B 104 -26.72 -27.47 28.98
N VAL B 105 -26.10 -28.58 29.39
CA VAL B 105 -26.79 -29.49 30.29
C VAL B 105 -27.00 -28.83 31.65
N GLY B 106 -26.04 -28.02 32.10
CA GLY B 106 -26.27 -27.25 33.30
C GLY B 106 -27.45 -26.31 33.17
N LYS B 107 -27.56 -25.64 32.03
CA LYS B 107 -28.72 -24.78 31.79
C LYS B 107 -30.01 -25.59 31.80
N VAL B 108 -30.03 -26.74 31.13
CA VAL B 108 -31.24 -27.53 31.08
C VAL B 108 -31.64 -28.00 32.47
N TYR B 109 -30.67 -28.48 33.25
CA TYR B 109 -30.97 -28.93 34.60
C TYR B 109 -31.46 -27.79 35.48
N TRP B 110 -30.80 -26.62 35.41
CA TRP B 110 -31.26 -25.48 36.20
C TRP B 110 -32.66 -25.07 35.80
N ASP B 111 -33.03 -25.28 34.53
CA ASP B 111 -34.41 -25.01 34.13
C ASP B 111 -35.35 -26.07 34.67
N GLY B 112 -34.85 -27.30 34.83
CA GLY B 112 -35.65 -28.36 35.42
C GLY B 112 -36.40 -29.23 34.44
N HIS B 113 -35.68 -29.80 33.46
CA HIS B 113 -36.23 -30.78 32.53
C HIS B 113 -35.33 -32.00 32.53
N PRO B 114 -35.35 -32.80 33.61
CA PRO B 114 -34.42 -33.93 33.70
C PRO B 114 -34.60 -34.94 32.59
N LEU B 115 -35.82 -35.13 32.06
CA LEU B 115 -36.02 -36.08 30.98
C LEU B 115 -35.36 -35.59 29.70
N LEU B 116 -34.98 -34.32 29.64
CA LEU B 116 -34.42 -33.70 28.44
C LEU B 116 -32.90 -33.59 28.50
N LEU B 117 -32.31 -33.82 29.67
CA LEU B 117 -30.85 -33.72 29.82
C LEU B 117 -30.09 -34.64 28.88
N PRO B 118 -30.42 -35.93 28.75
CA PRO B 118 -29.63 -36.77 27.84
C PRO B 118 -29.69 -36.32 26.41
N VAL B 119 -30.86 -35.93 25.91
CA VAL B 119 -30.97 -35.56 24.50
C VAL B 119 -30.27 -34.23 24.24
N VAL B 120 -30.40 -33.27 25.15
CA VAL B 120 -29.66 -32.02 24.95
C VAL B 120 -28.16 -32.27 25.00
N GLY B 121 -27.69 -33.09 25.94
CA GLY B 121 -26.27 -33.33 26.05
C GLY B 121 -25.69 -34.05 24.85
N VAL B 122 -26.41 -35.05 24.34
CA VAL B 122 -25.94 -35.73 23.14
C VAL B 122 -26.03 -34.81 21.93
N SER B 123 -27.10 -34.01 21.83
CA SER B 123 -27.34 -33.24 20.62
C SER B 123 -26.40 -32.06 20.49
N LEU B 124 -26.04 -31.40 21.59
CA LEU B 124 -25.11 -30.28 21.46
C LEU B 124 -23.75 -30.75 20.95
N VAL B 125 -23.27 -31.89 21.47
CA VAL B 125 -22.01 -32.44 20.96
C VAL B 125 -22.17 -32.85 19.51
N LEU B 126 -23.23 -33.59 19.19
CA LEU B 126 -23.41 -34.08 17.84
C LEU B 126 -23.75 -32.97 16.85
N ILE B 127 -24.03 -31.75 17.31
CA ILE B 127 -24.24 -30.64 16.41
C ILE B 127 -23.03 -29.73 16.29
N VAL B 128 -22.29 -29.46 17.37
CA VAL B 128 -21.09 -28.65 17.21
C VAL B 128 -19.96 -29.56 16.78
N PHE B 129 -20.27 -30.82 16.51
CA PHE B 129 -19.35 -31.72 15.81
C PHE B 129 -19.60 -31.72 14.31
N PHE B 130 -20.81 -32.07 13.90
CA PHE B 130 -21.18 -32.06 12.49
C PHE B 130 -21.51 -30.69 11.96
N ALA B 131 -21.30 -29.65 12.76
CA ALA B 131 -21.25 -28.28 12.28
C ALA B 131 -19.85 -27.73 12.22
N ASN B 132 -18.99 -28.14 13.15
CA ASN B 132 -17.58 -27.81 13.03
C ASN B 132 -16.95 -28.46 11.81
N LEU B 133 -17.22 -29.75 11.59
CA LEU B 133 -16.69 -30.41 10.39
C LEU B 133 -17.25 -29.80 9.12
N VAL B 134 -18.54 -29.46 9.10
CA VAL B 134 -19.12 -28.89 7.88
C VAL B 134 -18.77 -27.43 7.71
N GLY B 135 -18.27 -26.77 8.75
CA GLY B 135 -17.78 -25.43 8.60
C GLY B 135 -16.31 -25.42 8.25
N ALA B 136 -15.64 -26.53 8.47
CA ALA B 136 -14.23 -26.65 8.12
C ALA B 136 -14.02 -27.22 6.72
N MET B 137 -14.86 -28.16 6.28
CA MET B 137 -14.78 -28.66 4.92
C MET B 137 -15.69 -27.92 3.97
N LEU B 138 -16.27 -26.81 4.40
CA LEU B 138 -16.99 -25.98 3.44
C LEU B 138 -16.03 -25.11 2.64
N PRO B 139 -15.02 -24.47 3.26
CA PRO B 139 -14.06 -23.73 2.44
C PRO B 139 -13.33 -24.57 1.42
N PHE B 140 -12.92 -25.79 1.77
CA PHE B 140 -12.25 -26.63 0.79
C PHE B 140 -13.19 -27.03 -0.32
N LEU B 141 -14.43 -27.40 0.01
CA LEU B 141 -15.39 -27.76 -1.04
C LEU B 141 -15.71 -26.58 -1.94
N LEU B 142 -15.80 -25.37 -1.37
CA LEU B 142 -16.08 -24.19 -2.17
C LEU B 142 -14.90 -23.86 -3.09
N ARG B 143 -13.68 -23.82 -2.54
CA ARG B 143 -12.53 -23.50 -3.36
C ARG B 143 -12.25 -24.61 -4.37
N ARG B 144 -12.73 -25.82 -4.11
CA ARG B 144 -12.60 -26.88 -5.09
C ARG B 144 -13.69 -26.84 -6.13
N LEU B 145 -14.82 -26.20 -5.83
CA LEU B 145 -15.83 -25.95 -6.84
C LEU B 145 -15.44 -24.79 -7.75
N GLY B 146 -14.67 -23.84 -7.25
CA GLY B 146 -14.21 -22.74 -8.06
C GLY B 146 -14.64 -21.37 -7.57
N VAL B 147 -15.12 -21.29 -6.33
CA VAL B 147 -15.64 -20.06 -5.77
C VAL B 147 -14.75 -19.62 -4.62
N ASP B 148 -14.48 -18.32 -4.56
CA ASP B 148 -13.70 -17.75 -3.47
C ASP B 148 -14.44 -17.97 -2.15
N PRO B 149 -13.95 -18.87 -1.30
CA PRO B 149 -14.75 -19.31 -0.16
C PRO B 149 -14.91 -18.26 0.93
N ALA B 150 -14.44 -17.04 0.74
CA ALA B 150 -14.76 -15.98 1.69
C ALA B 150 -16.04 -15.26 1.33
N LEU B 151 -16.51 -15.40 0.10
CA LEU B 151 -17.73 -14.72 -0.32
C LEU B 151 -18.97 -15.47 0.16
N VAL B 152 -19.06 -16.75 -0.17
CA VAL B 152 -20.31 -17.50 -0.05
C VAL B 152 -20.17 -18.57 1.01
N SER B 153 -19.37 -18.30 2.04
CA SER B 153 -19.29 -19.20 3.18
C SER B 153 -20.06 -18.72 4.39
N ASN B 154 -20.02 -17.42 4.68
CA ASN B 154 -20.71 -16.91 5.87
C ASN B 154 -22.19 -17.27 5.90
N PRO B 155 -22.98 -17.11 4.84
CA PRO B 155 -24.38 -17.55 4.91
C PRO B 155 -24.53 -19.05 4.69
N LEU B 156 -23.69 -19.60 3.82
CA LEU B 156 -23.86 -21.00 3.44
C LEU B 156 -23.63 -21.94 4.61
N VAL B 157 -22.60 -21.70 5.41
CA VAL B 157 -22.38 -22.57 6.56
C VAL B 157 -23.48 -22.36 7.60
N ALA B 158 -24.02 -21.14 7.69
CA ALA B 158 -25.12 -20.92 8.62
C ALA B 158 -26.35 -21.74 8.24
N THR B 159 -26.69 -21.78 6.96
CA THR B 159 -27.82 -22.59 6.54
C THR B 159 -27.52 -24.09 6.67
N LEU B 160 -26.35 -24.51 6.18
CA LEU B 160 -25.98 -25.91 6.25
C LEU B 160 -25.76 -26.39 7.68
N SER B 161 -25.69 -25.48 8.64
CA SER B 161 -25.58 -25.88 10.03
C SER B 161 -26.88 -25.76 10.80
N ASP B 162 -27.74 -24.79 10.49
CA ASP B 162 -29.01 -24.77 11.20
C ASP B 162 -30.03 -25.72 10.59
N VAL B 163 -29.78 -26.25 9.39
CA VAL B 163 -30.55 -27.42 8.93
C VAL B 163 -30.21 -28.63 9.79
N THR B 164 -28.92 -28.92 9.94
CA THR B 164 -28.53 -30.07 10.74
C THR B 164 -28.80 -29.87 12.23
N GLY B 165 -28.83 -28.62 12.71
CA GLY B 165 -29.18 -28.36 14.10
C GLY B 165 -30.56 -28.83 14.48
N LEU B 166 -31.45 -28.99 13.52
CA LEU B 166 -32.72 -29.64 13.73
C LEU B 166 -32.68 -31.10 13.32
N LEU B 167 -32.10 -31.40 12.15
CA LEU B 167 -32.11 -32.76 11.63
C LEU B 167 -31.36 -33.72 12.54
N ILE B 168 -30.53 -33.21 13.44
CA ILE B 168 -29.82 -34.04 14.40
C ILE B 168 -30.44 -33.97 15.78
N TYR B 169 -30.81 -32.77 16.22
CA TYR B 169 -31.41 -32.61 17.53
C TYR B 169 -32.72 -33.35 17.64
N LEU B 170 -33.62 -33.19 16.67
CA LEU B 170 -34.88 -33.90 16.71
C LEU B 170 -34.69 -35.40 16.55
N SER B 171 -33.74 -35.82 15.72
CA SER B 171 -33.48 -37.25 15.59
C SER B 171 -33.02 -37.86 16.91
N VAL B 172 -32.09 -37.18 17.59
CA VAL B 172 -31.65 -37.66 18.89
C VAL B 172 -32.80 -37.64 19.88
N ALA B 173 -33.70 -36.65 19.77
CA ALA B 173 -34.88 -36.62 20.62
C ALA B 173 -35.75 -37.84 20.37
N ARG B 174 -35.95 -38.22 19.12
CA ARG B 174 -36.75 -39.40 18.81
C ARG B 174 -36.08 -40.68 19.29
N LEU B 175 -34.75 -40.75 19.24
CA LEU B 175 -34.05 -41.92 19.77
C LEU B 175 -34.01 -41.97 21.29
N LEU B 176 -34.09 -40.84 21.97
CA LEU B 176 -33.92 -40.81 23.41
C LEU B 176 -35.21 -40.66 24.20
N LEU B 177 -36.31 -40.25 23.57
CA LEU B 177 -37.57 -40.08 24.27
C LEU B 177 -38.68 -40.98 23.75
N GLU B 178 -38.92 -40.99 22.45
CA GLU B 178 -40.00 -41.79 21.87
C GLU B 178 -39.60 -42.36 20.52
N ASP C 1 13.93 -28.81 2.87
CA ASP C 1 13.23 -29.88 3.56
C ASP C 1 13.75 -31.24 3.14
N VAL C 2 13.04 -31.88 2.21
CA VAL C 2 13.44 -33.20 1.74
C VAL C 2 14.62 -33.06 0.79
N LEU C 3 15.82 -33.38 1.29
CA LEU C 3 17.04 -33.23 0.49
C LEU C 3 17.05 -34.36 -0.52
N MET C 4 16.26 -34.18 -1.58
CA MET C 4 15.99 -35.19 -2.57
C MET C 4 17.19 -35.34 -3.52
N THR C 5 17.26 -36.47 -4.23
CA THR C 5 18.44 -36.74 -5.03
C THR C 5 18.11 -37.70 -6.16
N GLN C 6 19.04 -37.80 -7.11
CA GLN C 6 18.91 -38.68 -8.27
C GLN C 6 20.20 -39.47 -8.44
N THR C 7 20.09 -40.65 -9.02
CA THR C 7 21.24 -41.45 -9.42
C THR C 7 20.95 -42.14 -10.74
N PRO C 8 21.89 -42.19 -11.68
CA PRO C 8 23.18 -41.49 -11.59
C PRO C 8 23.05 -40.06 -12.09
N LEU C 9 24.13 -39.27 -12.01
CA LEU C 9 24.10 -37.91 -12.54
C LEU C 9 24.32 -37.86 -14.04
N SER C 10 24.99 -38.84 -14.62
CA SER C 10 25.17 -38.94 -16.06
C SER C 10 24.66 -40.30 -16.50
N LEU C 11 23.93 -40.33 -17.61
CA LEU C 11 23.25 -41.53 -18.08
C LEU C 11 23.64 -41.80 -19.53
N PRO C 12 24.79 -42.42 -19.76
CA PRO C 12 25.21 -42.71 -21.14
C PRO C 12 24.38 -43.85 -21.73
N VAL C 13 23.54 -43.52 -22.69
CA VAL C 13 22.67 -44.50 -23.33
C VAL C 13 22.84 -44.39 -24.84
N SER C 14 22.10 -45.19 -25.59
CA SER C 14 22.11 -45.10 -27.04
C SER C 14 20.79 -44.50 -27.52
N LEU C 15 20.64 -44.36 -28.84
CA LEU C 15 19.41 -43.85 -29.43
C LEU C 15 18.61 -45.05 -29.93
N GLY C 16 17.55 -45.38 -29.22
CA GLY C 16 16.75 -46.55 -29.50
C GLY C 16 16.84 -47.66 -28.46
N ASP C 17 17.21 -47.34 -27.23
CA ASP C 17 17.29 -48.31 -26.14
C ASP C 17 16.45 -47.82 -24.96
N GLN C 18 16.47 -48.58 -23.88
CA GLN C 18 15.71 -48.27 -22.69
C GLN C 18 16.63 -47.76 -21.59
N ALA C 19 16.27 -46.62 -21.01
CA ALA C 19 17.08 -45.97 -19.98
C ALA C 19 16.23 -45.80 -18.73
N SER C 20 16.78 -46.18 -17.58
CA SER C 20 16.09 -46.11 -16.30
C SER C 20 16.75 -45.06 -15.43
N ILE C 21 15.97 -44.09 -14.99
CA ILE C 21 16.43 -43.01 -14.13
C ILE C 21 15.85 -43.21 -12.75
N SER C 22 16.73 -43.42 -11.77
CA SER C 22 16.27 -43.58 -10.40
C SER C 22 15.98 -42.22 -9.78
N CYS C 23 15.20 -42.24 -8.70
CA CYS C 23 14.87 -41.02 -7.97
C CYS C 23 14.53 -41.43 -6.55
N ARG C 24 15.47 -41.24 -5.63
CA ARG C 24 15.34 -41.69 -4.24
C ARG C 24 15.20 -40.48 -3.33
N SER C 25 14.03 -40.33 -2.73
CA SER C 25 13.77 -39.22 -1.84
C SER C 25 14.57 -39.37 -0.55
N SER C 26 14.43 -38.38 0.33
CA SER C 26 15.05 -38.43 1.65
C SER C 26 14.07 -38.94 2.70
N GLN C 27 12.86 -38.39 2.73
CA GLN C 27 11.77 -38.93 3.51
C GLN C 27 10.62 -39.26 2.57
N SER C 28 9.59 -39.91 3.12
CA SER C 28 8.50 -40.40 2.28
C SER C 28 7.74 -39.23 1.70
N LEU C 29 7.56 -39.24 0.39
CA LEU C 29 6.81 -38.20 -0.31
C LEU C 29 5.39 -38.66 -0.58
N VAL C 30 4.72 -39.04 0.50
CA VAL C 30 3.29 -39.30 0.50
C VAL C 30 2.63 -38.24 1.36
N HIS C 31 1.61 -37.60 0.82
CA HIS C 31 1.04 -36.43 1.46
C HIS C 31 -0.04 -36.85 2.45
N SER C 32 -0.42 -35.92 3.32
CA SER C 32 -1.57 -36.17 4.18
C SER C 32 -2.81 -36.49 3.35
N ASP C 33 -2.96 -35.81 2.22
CA ASP C 33 -3.99 -36.21 1.26
C ASP C 33 -3.76 -37.64 0.79
N GLY C 34 -2.52 -37.99 0.50
CA GLY C 34 -2.17 -39.38 0.25
C GLY C 34 -1.97 -39.80 -1.18
N ASN C 35 -1.27 -39.01 -2.01
CA ASN C 35 -0.83 -39.52 -3.31
C ASN C 35 0.46 -38.86 -3.79
N THR C 36 1.59 -39.45 -3.40
CA THR C 36 2.80 -39.57 -4.23
C THR C 36 3.11 -38.42 -5.19
N TYR C 37 3.37 -37.23 -4.66
CA TYR C 37 3.76 -36.11 -5.54
C TYR C 37 5.24 -36.19 -5.92
N LEU C 38 5.55 -36.79 -7.07
CA LEU C 38 6.92 -36.99 -7.56
C LEU C 38 7.04 -36.58 -9.01
N HIS C 39 6.64 -35.36 -9.30
CA HIS C 39 6.63 -34.84 -10.66
C HIS C 39 7.98 -35.02 -11.34
N TRP C 40 7.95 -35.29 -12.64
CA TRP C 40 9.16 -35.44 -13.44
C TRP C 40 9.17 -34.40 -14.56
N TYR C 41 10.27 -33.65 -14.65
CA TYR C 41 10.42 -32.65 -15.70
C TYR C 41 11.62 -32.99 -16.58
N LEU C 42 11.48 -32.68 -17.86
CA LEU C 42 12.54 -32.83 -18.84
C LEU C 42 12.94 -31.44 -19.31
N GLN C 43 14.22 -31.12 -19.20
CA GLN C 43 14.76 -29.84 -19.66
C GLN C 43 15.66 -30.11 -20.84
N LYS C 44 15.10 -29.99 -22.04
CA LYS C 44 15.89 -30.16 -23.25
C LYS C 44 17.02 -29.12 -23.25
N PRO C 45 18.17 -29.45 -23.85
CA PRO C 45 19.33 -28.56 -23.74
C PRO C 45 19.04 -27.14 -24.21
N GLY C 46 19.19 -26.17 -23.31
CA GLY C 46 18.93 -24.78 -23.62
C GLY C 46 17.46 -24.47 -23.85
N GLN C 47 16.62 -24.88 -22.92
CA GLN C 47 15.19 -24.59 -22.95
C GLN C 47 14.70 -24.44 -21.51
N SER C 48 13.42 -24.46 -21.34
CA SER C 48 12.90 -24.48 -19.98
C SER C 48 12.33 -25.85 -19.66
N PRO C 49 12.47 -26.33 -18.43
CA PRO C 49 11.98 -27.68 -18.10
C PRO C 49 10.47 -27.72 -18.20
N LYS C 50 9.97 -28.56 -19.10
CA LYS C 50 8.53 -28.80 -19.19
C LYS C 50 8.18 -30.11 -18.49
N LEU C 51 6.98 -30.15 -17.94
CA LEU C 51 6.57 -31.28 -17.12
C LEU C 51 6.42 -32.53 -17.99
N LEU C 52 6.90 -33.66 -17.47
CA LEU C 52 6.82 -34.93 -18.18
C LEU C 52 5.92 -35.92 -17.45
N ILE C 53 6.20 -36.22 -16.20
CA ILE C 53 5.43 -37.16 -15.41
C ILE C 53 4.99 -36.47 -14.13
N TYR C 54 3.71 -36.58 -13.81
CA TYR C 54 3.17 -36.02 -12.58
C TYR C 54 2.52 -37.12 -11.77
N LYS C 55 2.71 -37.08 -10.45
CA LYS C 55 2.07 -38.06 -9.59
C LYS C 55 2.48 -39.44 -10.06
N VAL C 56 3.70 -39.84 -9.76
CA VAL C 56 4.62 -40.58 -10.63
C VAL C 56 3.95 -41.59 -11.55
N SER C 57 2.83 -42.18 -11.12
CA SER C 57 2.14 -43.10 -12.00
C SER C 57 1.74 -42.44 -13.32
N ASN C 58 1.12 -41.26 -13.25
CA ASN C 58 0.42 -40.69 -14.40
C ASN C 58 1.40 -40.13 -15.42
N ARG C 59 0.87 -39.53 -16.49
CA ARG C 59 1.65 -38.91 -17.54
C ARG C 59 0.99 -37.60 -17.95
N PHE C 60 1.81 -36.64 -18.38
CA PHE C 60 1.27 -35.35 -18.81
C PHE C 60 0.77 -35.44 -20.25
N SER C 61 -0.02 -34.43 -20.64
CA SER C 61 -0.53 -34.36 -21.99
C SER C 61 0.58 -33.93 -22.96
N GLY C 62 0.43 -34.33 -24.22
CA GLY C 62 1.45 -34.04 -25.21
C GLY C 62 2.73 -34.82 -25.04
N VAL C 63 2.74 -35.81 -24.14
CA VAL C 63 3.93 -36.58 -23.81
C VAL C 63 3.86 -37.90 -24.56
N PRO C 64 4.84 -38.21 -25.41
CA PRO C 64 4.84 -39.51 -26.09
C PRO C 64 4.96 -40.66 -25.10
N ASP C 65 4.42 -41.81 -25.49
CA ASP C 65 4.36 -42.98 -24.65
C ASP C 65 5.73 -43.60 -24.39
N ARG C 66 6.80 -43.01 -24.93
CA ARG C 66 8.14 -43.55 -24.71
C ARG C 66 8.52 -43.52 -23.24
N PHE C 67 8.03 -42.54 -22.49
CA PHE C 67 8.37 -42.39 -21.09
C PHE C 67 7.47 -43.25 -20.22
N SER C 68 8.06 -43.89 -19.22
CA SER C 68 7.32 -44.72 -18.28
C SER C 68 7.78 -44.36 -16.87
N GLY C 69 6.85 -43.89 -16.05
CA GLY C 69 7.13 -43.53 -14.67
C GLY C 69 6.39 -44.47 -13.73
N SER C 70 7.13 -45.03 -12.78
CA SER C 70 6.58 -46.01 -11.87
C SER C 70 7.28 -45.88 -10.52
N GLY C 71 6.94 -46.78 -9.61
CA GLY C 71 7.46 -46.75 -8.26
C GLY C 71 6.55 -45.98 -7.32
N SER C 72 6.80 -46.16 -6.02
CA SER C 72 6.01 -45.49 -5.00
C SER C 72 6.80 -45.51 -3.69
N GLY C 73 6.34 -44.70 -2.75
CA GLY C 73 6.97 -44.65 -1.45
C GLY C 73 8.08 -43.62 -1.34
N THR C 74 9.33 -44.08 -1.47
CA THR C 74 10.47 -43.19 -1.38
C THR C 74 11.38 -43.38 -2.59
N ASP C 75 11.31 -44.56 -3.22
CA ASP C 75 12.12 -44.85 -4.39
C ASP C 75 11.23 -44.84 -5.63
N PHE C 76 11.53 -43.93 -6.56
CA PHE C 76 10.76 -43.76 -7.78
C PHE C 76 11.68 -43.82 -8.98
N THR C 77 11.12 -44.16 -10.13
CA THR C 77 11.93 -44.40 -11.31
C THR C 77 11.17 -44.02 -12.57
N LEU C 78 11.87 -43.35 -13.49
CA LEU C 78 11.35 -43.03 -14.81
C LEU C 78 12.16 -43.82 -15.82
N LYS C 79 11.49 -44.63 -16.63
CA LYS C 79 12.15 -45.49 -17.60
C LYS C 79 11.67 -45.14 -19.01
N ILE C 80 12.60 -45.16 -19.97
CA ILE C 80 12.30 -44.89 -21.36
C ILE C 80 12.13 -46.22 -22.08
N SER C 81 11.25 -46.25 -23.08
CA SER C 81 11.13 -47.45 -23.90
C SER C 81 12.21 -47.48 -24.98
N ARG C 82 12.22 -46.49 -25.86
CA ARG C 82 13.24 -46.35 -26.90
C ARG C 82 13.70 -44.89 -26.89
N VAL C 83 14.95 -44.67 -26.51
CA VAL C 83 15.48 -43.32 -26.42
C VAL C 83 15.52 -42.71 -27.82
N GLU C 84 14.70 -41.69 -28.03
CA GLU C 84 14.67 -40.96 -29.29
C GLU C 84 15.55 -39.72 -29.19
N ALA C 85 15.72 -39.05 -30.32
CA ALA C 85 16.55 -37.86 -30.37
C ALA C 85 15.86 -36.62 -29.81
N GLU C 86 14.53 -36.68 -29.64
CA GLU C 86 13.78 -35.58 -29.04
C GLU C 86 13.64 -35.72 -27.54
N ASP C 87 14.21 -36.77 -26.95
CA ASP C 87 14.09 -37.03 -25.52
C ASP C 87 15.36 -36.73 -24.74
N LEU C 88 16.42 -36.30 -25.41
CA LEU C 88 17.65 -35.99 -24.71
C LEU C 88 17.53 -34.69 -23.93
N GLY C 89 18.30 -34.58 -22.87
CA GLY C 89 18.29 -33.39 -22.04
C GLY C 89 18.72 -33.76 -20.63
N VAL C 90 18.09 -33.10 -19.66
CA VAL C 90 18.30 -33.40 -18.25
C VAL C 90 16.94 -33.62 -17.61
N TYR C 91 16.83 -34.63 -16.75
CA TYR C 91 15.57 -35.08 -16.19
C TYR C 91 15.51 -34.75 -14.71
N PHE C 92 14.64 -33.82 -14.34
CA PHE C 92 14.44 -33.46 -12.95
C PHE C 92 13.21 -34.18 -12.41
N CYS C 93 13.38 -34.84 -11.27
CA CYS C 93 12.27 -35.39 -10.51
C CYS C 93 12.13 -34.52 -9.28
N SER C 94 10.99 -33.85 -9.15
CA SER C 94 10.76 -32.95 -8.03
C SER C 94 9.76 -33.57 -7.07
N GLN C 95 9.33 -32.80 -6.08
CA GLN C 95 8.26 -33.22 -5.20
C GLN C 95 7.38 -32.02 -4.93
N SER C 96 6.20 -32.28 -4.38
CA SER C 96 5.27 -31.20 -4.08
C SER C 96 4.57 -31.39 -2.74
N THR C 97 5.04 -32.31 -1.90
CA THR C 97 4.37 -32.54 -0.64
C THR C 97 4.88 -31.59 0.44
N HIS C 98 6.17 -31.65 0.75
CA HIS C 98 6.73 -30.87 1.84
C HIS C 98 7.29 -29.56 1.31
N VAL C 99 6.69 -28.46 1.72
CA VAL C 99 7.25 -27.14 1.41
C VAL C 99 8.61 -27.02 2.08
N PRO C 100 9.67 -26.58 1.39
CA PRO C 100 9.73 -26.15 -0.01
C PRO C 100 9.76 -27.31 -1.00
N TRP C 101 9.10 -27.14 -2.15
CA TRP C 101 9.03 -28.20 -3.16
C TRP C 101 10.38 -28.29 -3.85
N THR C 102 11.33 -28.92 -3.17
CA THR C 102 12.68 -29.07 -3.71
C THR C 102 12.66 -29.86 -5.01
N PHE C 103 13.76 -29.81 -5.73
CA PHE C 103 13.93 -30.53 -6.98
C PHE C 103 15.12 -31.47 -6.87
N GLY C 104 15.17 -32.43 -7.76
CA GLY C 104 16.28 -33.36 -7.77
C GLY C 104 17.54 -32.75 -8.36
N GLY C 105 18.65 -33.45 -8.18
CA GLY C 105 19.90 -32.99 -8.74
C GLY C 105 19.91 -32.99 -10.24
N GLY C 106 19.03 -33.77 -10.86
CA GLY C 106 18.93 -33.81 -12.31
C GLY C 106 20.00 -34.66 -12.93
N THR C 107 19.65 -35.42 -13.96
CA THR C 107 20.59 -36.29 -14.65
C THR C 107 20.48 -36.07 -16.15
N LYS C 108 21.62 -36.09 -16.82
CA LYS C 108 21.63 -35.81 -18.25
C LYS C 108 21.30 -37.07 -19.05
N LEU C 109 21.11 -36.88 -20.35
CA LEU C 109 20.83 -37.97 -21.28
C LEU C 109 21.79 -37.83 -22.46
N GLU C 110 22.97 -38.40 -22.33
CA GLU C 110 23.98 -38.34 -23.38
C GLU C 110 23.75 -39.48 -24.37
N ILE C 111 24.71 -39.69 -25.27
CA ILE C 111 24.69 -40.80 -26.21
C ILE C 111 25.95 -41.63 -25.98
N LYS C 112 25.78 -42.95 -25.89
CA LYS C 112 26.88 -43.84 -25.58
C LYS C 112 27.64 -44.17 -26.86
N ARG C 113 28.37 -43.18 -27.35
CA ARG C 113 29.24 -43.39 -28.49
C ARG C 113 30.45 -44.21 -28.08
N ALA C 114 31.25 -44.59 -29.09
CA ALA C 114 32.50 -45.30 -28.81
C ALA C 114 33.43 -44.41 -28.01
N ASP C 115 34.11 -45.00 -27.02
CA ASP C 115 35.03 -44.23 -26.19
C ASP C 115 36.24 -43.82 -27.02
N ALA C 116 36.61 -42.55 -26.94
CA ALA C 116 37.69 -41.99 -27.72
C ALA C 116 38.71 -41.31 -26.82
N ALA C 117 39.90 -41.11 -27.36
CA ALA C 117 40.96 -40.45 -26.61
C ALA C 117 41.04 -38.98 -26.99
N PRO C 118 41.32 -38.10 -26.03
CA PRO C 118 41.36 -36.67 -26.34
C PRO C 118 42.49 -36.32 -27.30
N THR C 119 42.23 -35.31 -28.14
CA THR C 119 43.28 -34.74 -28.98
C THR C 119 43.79 -33.48 -28.29
N VAL C 120 44.60 -33.69 -27.25
CA VAL C 120 45.10 -32.59 -26.45
C VAL C 120 46.03 -31.73 -27.30
N SER C 121 46.07 -30.43 -26.99
CA SER C 121 46.99 -29.53 -27.67
C SER C 121 47.22 -28.32 -26.77
N ILE C 122 48.41 -28.22 -26.18
CA ILE C 122 48.78 -27.01 -25.45
C ILE C 122 48.89 -25.85 -26.43
N PHE C 123 48.42 -24.69 -26.01
CA PHE C 123 48.51 -23.48 -26.82
C PHE C 123 49.24 -22.40 -26.02
N PRO C 124 50.50 -22.13 -26.31
CA PRO C 124 51.23 -21.08 -25.60
C PRO C 124 50.61 -19.72 -25.88
N PRO C 125 50.83 -18.75 -25.01
CA PRO C 125 50.25 -17.42 -25.24
C PRO C 125 50.67 -16.86 -26.59
N SER C 126 49.73 -16.20 -27.25
CA SER C 126 49.94 -15.72 -28.61
C SER C 126 50.99 -14.62 -28.64
N SER C 127 51.53 -14.37 -29.83
CA SER C 127 52.45 -13.25 -30.00
C SER C 127 51.80 -11.94 -29.60
N GLU C 128 50.50 -11.78 -29.87
CA GLU C 128 49.77 -10.63 -29.36
C GLU C 128 49.73 -10.65 -27.83
N GLN C 129 49.52 -11.82 -27.23
CA GLN C 129 49.52 -11.96 -25.78
C GLN C 129 50.84 -11.55 -25.15
N LEU C 130 51.96 -11.76 -25.83
CA LEU C 130 53.24 -11.32 -25.29
C LEU C 130 53.30 -9.80 -25.10
N THR C 131 52.60 -9.04 -25.96
CA THR C 131 52.56 -7.59 -25.87
C THR C 131 51.15 -7.06 -25.65
N SER C 132 50.31 -7.79 -24.90
CA SER C 132 48.91 -7.45 -24.79
C SER C 132 48.55 -6.68 -23.52
N GLY C 133 49.25 -6.94 -22.43
CA GLY C 133 48.81 -6.53 -21.12
C GLY C 133 48.27 -7.64 -20.26
N GLY C 134 48.18 -8.86 -20.82
CA GLY C 134 47.88 -10.05 -20.05
C GLY C 134 48.80 -11.20 -20.43
N ALA C 135 48.66 -12.30 -19.68
CA ALA C 135 49.39 -13.52 -19.99
C ALA C 135 48.50 -14.71 -19.64
N SER C 136 48.25 -15.56 -20.64
CA SER C 136 47.28 -16.64 -20.49
C SER C 136 47.64 -17.78 -21.43
N VAL C 137 48.20 -18.84 -20.89
CA VAL C 137 48.38 -20.08 -21.65
C VAL C 137 47.12 -20.91 -21.51
N VAL C 138 46.75 -21.59 -22.60
CA VAL C 138 45.51 -22.34 -22.66
C VAL C 138 45.79 -23.70 -23.27
N CYS C 139 45.18 -24.75 -22.73
CA CYS C 139 45.34 -26.11 -23.22
C CYS C 139 43.98 -26.63 -23.64
N PHE C 140 43.91 -27.18 -24.85
CA PHE C 140 42.67 -27.67 -25.41
C PHE C 140 42.59 -29.19 -25.32
N LEU C 141 41.44 -29.69 -24.91
CA LEU C 141 41.15 -31.13 -24.87
C LEU C 141 39.95 -31.32 -25.79
N ASN C 142 40.21 -31.78 -27.01
CA ASN C 142 39.18 -31.84 -28.04
C ASN C 142 38.86 -33.28 -28.41
N ASN C 143 37.57 -33.54 -28.64
CA ASN C 143 37.08 -34.77 -29.24
C ASN C 143 37.48 -36.01 -28.42
N PHE C 144 36.94 -36.06 -27.22
CA PHE C 144 37.08 -37.23 -26.36
C PHE C 144 35.72 -37.70 -25.88
N TYR C 145 35.74 -38.72 -25.02
CA TYR C 145 34.54 -39.32 -24.47
C TYR C 145 34.95 -40.28 -23.36
N PRO C 146 34.20 -40.38 -22.26
CA PRO C 146 32.98 -39.64 -21.91
C PRO C 146 33.25 -38.32 -21.17
N LYS C 147 32.21 -37.77 -20.55
CA LYS C 147 32.32 -36.51 -19.82
C LYS C 147 33.40 -36.53 -18.75
N ASP C 148 33.66 -37.68 -18.13
CA ASP C 148 34.59 -37.75 -17.03
C ASP C 148 36.00 -37.41 -17.51
N ILE C 149 36.46 -36.20 -17.17
CA ILE C 149 37.80 -35.77 -17.52
C ILE C 149 38.22 -34.70 -16.53
N ASN C 150 39.52 -34.47 -16.41
CA ASN C 150 40.04 -33.44 -15.52
C ASN C 150 41.45 -33.07 -15.96
N VAL C 151 41.75 -31.79 -15.96
CA VAL C 151 43.08 -31.33 -16.35
C VAL C 151 43.97 -31.25 -15.12
N LYS C 152 45.24 -31.60 -15.29
CA LYS C 152 46.26 -31.42 -14.27
C LYS C 152 47.22 -30.37 -14.79
N TRP C 153 47.18 -29.18 -14.20
CA TRP C 153 47.94 -28.04 -14.68
C TRP C 153 49.29 -28.02 -13.96
N LYS C 154 50.33 -28.47 -14.65
CA LYS C 154 51.68 -28.51 -14.12
C LYS C 154 52.53 -27.44 -14.80
N ILE C 155 53.25 -26.67 -14.01
CA ILE C 155 54.14 -25.63 -14.51
C ILE C 155 55.57 -26.12 -14.31
N ASP C 156 56.37 -26.05 -15.39
CA ASP C 156 57.72 -26.61 -15.40
C ASP C 156 57.71 -28.08 -14.98
N GLY C 157 56.57 -28.75 -15.15
CA GLY C 157 56.37 -30.08 -14.61
C GLY C 157 55.89 -30.11 -13.18
N SER C 158 55.75 -28.96 -12.52
CA SER C 158 55.26 -28.90 -11.15
C SER C 158 53.83 -28.37 -11.13
N GLU C 159 53.00 -29.00 -10.30
CA GLU C 159 51.56 -28.73 -10.32
C GLU C 159 51.26 -27.29 -9.89
N ARG C 160 50.19 -26.74 -10.46
CA ARG C 160 49.70 -25.41 -10.12
C ARG C 160 48.17 -25.43 -10.07
N GLN C 161 47.61 -24.78 -9.06
CA GLN C 161 46.17 -24.74 -8.85
C GLN C 161 45.71 -23.33 -8.52
N ASN C 162 46.17 -22.35 -9.30
CA ASN C 162 45.83 -20.96 -9.07
C ASN C 162 45.22 -20.34 -10.32
N GLY C 163 44.13 -19.61 -10.15
CA GLY C 163 43.52 -18.84 -11.22
C GLY C 163 43.06 -19.67 -12.41
N VAL C 164 42.64 -20.90 -12.18
CA VAL C 164 42.30 -21.81 -13.27
C VAL C 164 40.84 -21.64 -13.65
N LEU C 165 40.56 -21.71 -14.94
CA LEU C 165 39.21 -21.76 -15.47
C LEU C 165 39.07 -22.99 -16.36
N ASN C 166 37.87 -23.56 -16.38
CA ASN C 166 37.60 -24.70 -17.25
C ASN C 166 36.16 -24.63 -17.72
N SER C 167 35.95 -24.84 -19.02
CA SER C 167 34.62 -24.87 -19.60
C SER C 167 34.53 -26.06 -20.53
N TRP C 168 33.52 -26.90 -20.32
CA TRP C 168 33.28 -28.05 -21.15
C TRP C 168 32.12 -27.76 -22.09
N THR C 169 32.30 -28.06 -23.37
CA THR C 169 31.18 -27.95 -24.28
C THR C 169 30.17 -29.05 -23.97
N ASP C 170 28.95 -28.86 -24.46
CA ASP C 170 27.94 -29.90 -24.35
C ASP C 170 28.25 -30.99 -25.38
N GLN C 171 27.39 -32.00 -25.45
CA GLN C 171 27.61 -33.08 -26.41
C GLN C 171 27.52 -32.56 -27.83
N ASP C 172 28.49 -32.95 -28.66
CA ASP C 172 28.51 -32.55 -30.06
C ASP C 172 27.35 -33.22 -30.80
N SER C 173 26.88 -32.54 -31.85
CA SER C 173 25.74 -32.99 -32.62
C SER C 173 26.12 -33.77 -33.86
N LYS C 174 27.41 -34.01 -34.09
CA LYS C 174 27.87 -34.76 -35.24
C LYS C 174 28.35 -36.15 -34.85
N ASP C 175 29.29 -36.26 -33.92
CA ASP C 175 29.78 -37.53 -33.43
C ASP C 175 29.63 -37.70 -31.92
N SER C 176 28.96 -36.77 -31.26
CA SER C 176 28.63 -36.89 -29.82
C SER C 176 29.88 -37.07 -28.97
N THR C 177 30.90 -36.27 -29.24
CA THR C 177 32.10 -36.23 -28.41
C THR C 177 32.11 -34.94 -27.60
N TYR C 178 32.96 -34.93 -26.58
CA TYR C 178 33.10 -33.78 -25.70
C TYR C 178 34.46 -33.13 -25.91
N SER C 179 34.52 -31.83 -25.63
CA SER C 179 35.78 -31.12 -25.71
C SER C 179 35.86 -30.14 -24.54
N MET C 180 37.10 -29.90 -24.09
CA MET C 180 37.33 -29.15 -22.87
C MET C 180 38.42 -28.11 -23.10
N SER C 181 38.14 -26.87 -22.71
CA SER C 181 39.13 -25.80 -22.75
C SER C 181 39.63 -25.53 -21.34
N SER C 182 40.96 -25.50 -21.21
CA SER C 182 41.62 -25.25 -19.92
C SER C 182 42.54 -24.06 -20.10
N THR C 183 42.13 -22.90 -19.60
CA THR C 183 42.94 -21.69 -19.66
C THR C 183 43.68 -21.50 -18.34
N LEU C 184 44.76 -20.73 -18.41
CA LEU C 184 45.64 -20.49 -17.26
C LEU C 184 46.07 -19.02 -17.29
N THR C 185 45.35 -18.18 -16.57
CA THR C 185 45.70 -16.78 -16.46
C THR C 185 46.80 -16.59 -15.43
N LEU C 186 47.81 -15.80 -15.77
CA LEU C 186 48.93 -15.57 -14.88
C LEU C 186 49.58 -14.24 -15.24
N THR C 187 50.35 -13.71 -14.29
CA THR C 187 51.08 -12.48 -14.51
C THR C 187 52.21 -12.68 -15.52
N LYS C 188 52.81 -11.56 -15.95
CA LYS C 188 53.82 -11.61 -17.00
C LYS C 188 55.05 -12.39 -16.57
N ASP C 189 55.69 -11.98 -15.47
CA ASP C 189 56.98 -12.56 -15.12
C ASP C 189 56.86 -14.05 -14.80
N GLU C 190 55.78 -14.45 -14.13
CA GLU C 190 55.56 -15.88 -13.90
C GLU C 190 55.50 -16.64 -15.22
N TYR C 191 55.01 -16.00 -16.29
CA TYR C 191 55.14 -16.58 -17.62
C TYR C 191 56.57 -16.43 -18.14
N GLU C 192 57.20 -15.28 -17.89
CA GLU C 192 58.54 -15.03 -18.39
C GLU C 192 59.63 -15.73 -17.60
N ARG C 193 59.33 -16.26 -16.41
CA ARG C 193 60.31 -17.01 -15.65
C ARG C 193 60.35 -18.48 -16.05
N HIS C 194 59.19 -19.08 -16.31
CA HIS C 194 59.09 -20.50 -16.55
C HIS C 194 59.01 -20.81 -18.04
N ASN C 195 59.57 -21.95 -18.44
CA ASN C 195 59.65 -22.36 -19.83
C ASN C 195 58.71 -23.50 -20.17
N SER C 196 58.56 -24.47 -19.27
CA SER C 196 57.75 -25.65 -19.52
C SER C 196 56.36 -25.49 -18.91
N TYR C 197 55.35 -25.90 -19.65
CA TYR C 197 53.96 -25.83 -19.22
C TYR C 197 53.30 -27.18 -19.51
N THR C 198 53.31 -28.06 -18.50
CA THR C 198 52.80 -29.42 -18.66
C THR C 198 51.30 -29.42 -18.46
N CYS C 199 50.55 -29.53 -19.54
CA CYS C 199 49.11 -29.75 -19.49
C CYS C 199 48.87 -31.25 -19.42
N GLU C 200 48.34 -31.72 -18.29
CA GLU C 200 48.12 -33.14 -18.07
C GLU C 200 46.63 -33.40 -17.94
N ALA C 201 46.15 -34.40 -18.67
CA ALA C 201 44.74 -34.79 -18.64
C ALA C 201 44.66 -36.28 -18.35
N THR C 202 43.85 -36.64 -17.34
CA THR C 202 43.68 -38.03 -16.93
C THR C 202 42.32 -38.49 -17.46
N HIS C 203 42.35 -39.37 -18.46
CA HIS C 203 41.13 -39.85 -19.08
C HIS C 203 40.87 -41.31 -18.70
N LYS C 204 39.59 -41.67 -18.70
CA LYS C 204 39.17 -43.03 -18.37
C LYS C 204 39.66 -44.05 -19.40
N THR C 205 39.88 -43.64 -20.65
CA THR C 205 40.31 -44.59 -21.67
C THR C 205 41.81 -44.84 -21.60
N SER C 206 42.60 -43.77 -21.56
CA SER C 206 44.05 -43.92 -21.53
C SER C 206 44.51 -44.48 -20.20
N THR C 207 45.53 -45.34 -20.26
CA THR C 207 46.10 -45.89 -19.04
C THR C 207 46.93 -44.85 -18.31
N SER C 208 47.99 -44.36 -18.94
CA SER C 208 48.75 -43.25 -18.39
C SER C 208 48.04 -41.93 -18.73
N PRO C 209 48.14 -40.92 -17.88
CA PRO C 209 47.55 -39.62 -18.20
C PRO C 209 48.17 -39.03 -19.46
N ILE C 210 47.35 -38.42 -20.29
CA ILE C 210 47.82 -37.79 -21.52
C ILE C 210 48.31 -36.39 -21.19
N VAL C 211 49.54 -36.08 -21.61
CA VAL C 211 50.20 -34.85 -21.20
C VAL C 211 50.55 -34.04 -22.44
N LYS C 212 50.88 -32.77 -22.20
CA LYS C 212 51.38 -31.87 -23.24
C LYS C 212 52.18 -30.76 -22.57
N SER C 213 53.38 -30.52 -23.07
CA SER C 213 54.25 -29.48 -22.53
C SER C 213 55.09 -28.88 -23.64
N PHE C 214 55.29 -27.57 -23.57
CA PHE C 214 56.15 -26.86 -24.50
C PHE C 214 57.21 -26.10 -23.73
N ASN C 215 58.38 -25.96 -24.34
CA ASN C 215 59.49 -25.22 -23.75
C ASN C 215 59.66 -23.91 -24.50
N ARG C 216 59.40 -22.79 -23.81
CA ARG C 216 59.46 -21.47 -24.41
C ARG C 216 60.88 -21.12 -24.84
N GLU D 1 0.83 -25.00 -26.55
CA GLU D 1 -0.46 -24.59 -26.01
C GLU D 1 -0.35 -23.25 -25.31
N VAL D 2 -0.44 -23.28 -23.98
CA VAL D 2 -0.31 -22.06 -23.19
C VAL D 2 1.10 -21.51 -23.36
N LYS D 3 1.20 -20.23 -23.69
CA LYS D 3 2.50 -19.57 -23.79
C LYS D 3 2.70 -18.71 -22.54
N LEU D 4 3.72 -19.04 -21.77
CA LEU D 4 4.09 -18.27 -20.60
C LEU D 4 5.38 -17.52 -20.94
N GLN D 5 5.28 -16.20 -21.05
CA GLN D 5 6.40 -15.37 -21.48
C GLN D 5 6.73 -14.39 -20.36
N GLU D 6 8.01 -14.26 -20.05
CA GLU D 6 8.49 -13.38 -19.01
C GLU D 6 9.51 -12.39 -19.57
N SER D 7 10.12 -11.61 -18.70
CA SER D 7 11.00 -10.53 -19.13
C SER D 7 12.23 -11.09 -19.83
N GLY D 8 13.01 -10.18 -20.42
CA GLY D 8 14.21 -10.54 -21.15
C GLY D 8 15.42 -10.66 -20.24
N VAL D 9 16.59 -10.73 -20.88
CA VAL D 9 17.85 -10.86 -20.16
C VAL D 9 17.99 -9.69 -19.18
N GLU D 10 18.64 -9.96 -18.05
CA GLU D 10 18.71 -8.99 -16.97
C GLU D 10 20.17 -8.82 -16.51
N LEU D 11 20.53 -7.59 -16.18
CA LEU D 11 21.85 -7.28 -15.68
C LEU D 11 21.73 -6.38 -14.45
N VAL D 12 22.45 -6.73 -13.39
CA VAL D 12 22.45 -5.96 -12.15
C VAL D 12 23.83 -6.00 -11.51
N LYS D 13 24.08 -5.05 -10.63
CA LYS D 13 25.25 -4.96 -9.80
C LYS D 13 24.89 -5.30 -8.36
N PRO D 14 25.85 -5.75 -7.55
CA PRO D 14 25.52 -6.24 -6.21
C PRO D 14 24.79 -5.18 -5.39
N GLY D 15 23.93 -5.67 -4.50
CA GLY D 15 23.15 -4.80 -3.63
C GLY D 15 21.93 -4.18 -4.29
N ALA D 16 21.67 -4.47 -5.57
CA ALA D 16 20.57 -3.85 -6.28
C ALA D 16 19.27 -4.56 -5.95
N SER D 17 18.21 -4.24 -6.71
CA SER D 17 16.91 -4.87 -6.53
C SER D 17 16.23 -4.90 -7.90
N VAL D 18 16.08 -6.09 -8.45
CA VAL D 18 15.52 -6.28 -9.78
C VAL D 18 14.11 -6.83 -9.67
N LYS D 19 13.23 -6.39 -10.56
CA LYS D 19 11.84 -6.84 -10.61
C LYS D 19 11.66 -7.67 -11.88
N ILE D 20 11.77 -8.99 -11.76
CA ILE D 20 11.59 -9.87 -12.91
C ILE D 20 10.10 -10.01 -13.17
N SER D 21 9.70 -9.73 -14.41
CA SER D 21 8.28 -9.73 -14.78
C SER D 21 7.96 -10.99 -15.57
N CYS D 22 6.86 -11.65 -15.19
CA CYS D 22 6.39 -12.85 -15.86
C CYS D 22 4.92 -12.63 -16.22
N LYS D 23 4.65 -12.46 -17.51
CA LYS D 23 3.28 -12.25 -17.95
C LYS D 23 2.64 -13.57 -18.36
N ALA D 24 1.37 -13.73 -18.02
CA ALA D 24 0.63 -14.93 -18.32
C ALA D 24 -0.19 -14.73 -19.60
N SER D 25 -0.37 -15.82 -20.35
CA SER D 25 -1.17 -15.75 -21.56
C SER D 25 -1.68 -17.13 -21.89
N GLY D 26 -2.92 -17.18 -22.35
CA GLY D 26 -3.57 -18.41 -22.74
C GLY D 26 -4.48 -19.02 -21.69
N TYR D 27 -4.36 -18.58 -20.44
CA TYR D 27 -5.20 -19.08 -19.37
C TYR D 27 -5.64 -17.91 -18.49
N SER D 28 -6.64 -18.17 -17.66
CA SER D 28 -7.12 -17.17 -16.72
C SER D 28 -6.09 -17.02 -15.61
N PHE D 29 -5.31 -15.94 -15.67
CA PHE D 29 -4.22 -15.75 -14.72
C PHE D 29 -4.71 -15.65 -13.29
N THR D 30 -5.96 -15.26 -13.09
CA THR D 30 -6.49 -15.14 -11.73
C THR D 30 -6.64 -16.49 -11.05
N GLY D 31 -6.72 -17.57 -11.80
CA GLY D 31 -7.08 -18.85 -11.21
C GLY D 31 -6.02 -19.92 -11.27
N TYR D 32 -4.75 -19.52 -11.37
CA TYR D 32 -3.65 -20.46 -11.33
C TYR D 32 -2.47 -19.83 -10.63
N ASN D 33 -1.84 -20.58 -9.73
CA ASN D 33 -0.75 -20.03 -8.94
C ASN D 33 0.55 -20.09 -9.71
N MET D 34 1.30 -18.99 -9.72
CA MET D 34 2.57 -18.94 -10.42
C MET D 34 3.68 -19.36 -9.47
N ASN D 35 4.51 -20.29 -9.90
CA ASN D 35 5.63 -20.77 -9.12
C ASN D 35 6.91 -20.17 -9.67
N TRP D 36 7.72 -19.61 -8.78
CA TRP D 36 9.01 -19.05 -9.15
C TRP D 36 10.11 -20.01 -8.77
N VAL D 37 10.92 -20.39 -9.74
CA VAL D 37 12.01 -21.34 -9.52
C VAL D 37 13.24 -20.90 -10.29
N LYS D 38 14.39 -20.93 -9.64
CA LYS D 38 15.64 -20.46 -10.21
C LYS D 38 16.56 -21.61 -10.55
N GLN D 39 17.21 -21.50 -11.70
CA GLN D 39 18.19 -22.48 -12.14
C GLN D 39 19.56 -21.83 -12.13
N SER D 40 20.47 -22.38 -11.33
CA SER D 40 21.80 -21.80 -11.17
C SER D 40 22.63 -22.08 -12.43
N HIS D 41 23.92 -21.78 -12.37
CA HIS D 41 24.79 -21.82 -13.54
C HIS D 41 25.04 -23.28 -13.92
N GLY D 42 24.07 -23.85 -14.64
CA GLY D 42 24.17 -25.22 -15.08
C GLY D 42 24.16 -26.23 -13.95
N LYS D 43 23.05 -26.30 -13.24
CA LYS D 43 22.92 -27.19 -12.09
C LYS D 43 21.44 -27.45 -11.85
N SER D 44 21.12 -28.01 -10.69
CA SER D 44 19.74 -28.31 -10.33
C SER D 44 18.96 -27.03 -10.11
N LEU D 45 17.63 -27.18 -10.11
CA LEU D 45 16.74 -26.05 -9.86
C LEU D 45 16.60 -25.84 -8.36
N GLU D 46 15.79 -24.86 -8.00
CA GLU D 46 15.48 -24.59 -6.60
C GLU D 46 14.22 -23.75 -6.57
N TRP D 47 13.17 -24.25 -5.94
CA TRP D 47 11.88 -23.59 -5.96
C TRP D 47 11.89 -22.45 -4.95
N ILE D 48 11.57 -21.25 -5.44
CA ILE D 48 11.82 -20.02 -4.69
C ILE D 48 10.58 -19.15 -4.60
N GLY D 49 9.40 -19.76 -4.58
CA GLY D 49 8.19 -19.02 -4.34
C GLY D 49 6.98 -19.51 -5.09
N ASN D 50 5.80 -19.28 -4.52
CA ASN D 50 4.54 -19.70 -5.13
C ASN D 50 3.54 -18.58 -4.84
N ILE D 51 3.30 -17.75 -5.83
CA ILE D 51 2.41 -16.61 -5.66
C ILE D 51 1.00 -17.01 -6.09
N SER D 52 0.02 -16.68 -5.27
CA SER D 52 -1.36 -16.98 -5.61
C SER D 52 -2.01 -15.71 -6.10
N PRO D 53 -2.30 -15.58 -7.40
CA PRO D 53 -2.84 -14.32 -7.91
C PRO D 53 -4.14 -13.89 -7.25
N TYR D 54 -5.10 -14.81 -7.08
CA TYR D 54 -6.41 -14.43 -6.59
C TYR D 54 -6.32 -13.73 -5.24
N TYR D 55 -5.54 -14.28 -4.32
CA TYR D 55 -5.38 -13.62 -3.04
C TYR D 55 -4.18 -12.70 -2.99
N GLY D 56 -3.30 -12.76 -4.00
CA GLY D 56 -2.14 -11.92 -4.03
C GLY D 56 -1.08 -12.25 -3.02
N THR D 57 -1.26 -13.29 -2.21
CA THR D 57 -0.29 -13.71 -1.22
C THR D 57 0.48 -14.92 -1.71
N SER D 58 1.61 -15.18 -1.07
CA SER D 58 2.52 -16.20 -1.56
C SER D 58 3.14 -16.97 -0.40
N ILE D 59 3.58 -18.18 -0.69
CA ILE D 59 4.37 -18.98 0.23
C ILE D 59 5.80 -18.99 -0.30
N TYR D 60 6.76 -19.09 0.61
CA TYR D 60 8.15 -18.86 0.25
C TYR D 60 9.03 -20.00 0.72
N ASN D 61 10.01 -20.34 -0.12
CA ASN D 61 11.07 -21.22 0.29
C ASN D 61 11.74 -20.69 1.55
N GLN D 62 12.20 -21.61 2.41
CA GLN D 62 12.90 -21.19 3.61
C GLN D 62 14.20 -20.47 3.28
N ASN D 63 14.95 -20.97 2.29
CA ASN D 63 16.21 -20.37 1.90
C ASN D 63 16.06 -19.02 1.22
N PHE D 64 14.85 -18.62 0.85
CA PHE D 64 14.65 -17.40 0.08
C PHE D 64 13.64 -16.46 0.71
N LYS D 65 13.25 -16.69 1.96
CA LYS D 65 12.36 -15.76 2.63
C LYS D 65 13.09 -14.46 2.90
N GLY D 66 12.65 -13.38 2.25
CA GLY D 66 13.28 -12.09 2.42
C GLY D 66 14.13 -11.67 1.24
N LYS D 67 14.88 -12.62 0.67
CA LYS D 67 15.68 -12.35 -0.52
C LYS D 67 14.82 -12.38 -1.79
N ALA D 68 13.51 -12.43 -1.63
CA ALA D 68 12.58 -12.48 -2.76
C ALA D 68 11.22 -12.01 -2.30
N THR D 69 10.49 -11.34 -3.18
CA THR D 69 9.15 -10.85 -2.88
C THR D 69 8.30 -11.00 -4.13
N LEU D 70 7.23 -11.77 -4.03
CA LEU D 70 6.35 -12.03 -5.17
C LEU D 70 5.09 -11.19 -5.03
N THR D 71 4.79 -10.41 -6.07
CA THR D 71 3.52 -9.73 -6.18
C THR D 71 3.00 -9.90 -7.60
N VAL D 72 1.70 -9.71 -7.78
CA VAL D 72 1.06 -9.84 -9.08
C VAL D 72 0.06 -8.71 -9.26
N ASP D 73 -0.49 -8.64 -10.47
CA ASP D 73 -1.57 -7.72 -10.80
C ASP D 73 -2.55 -8.47 -11.69
N ARG D 74 -3.75 -8.73 -11.17
CA ARG D 74 -4.72 -9.54 -11.90
C ARG D 74 -5.09 -8.91 -13.24
N SER D 75 -5.30 -7.59 -13.27
CA SER D 75 -5.64 -6.93 -14.52
C SER D 75 -4.49 -6.98 -15.51
N SER D 76 -3.26 -6.78 -15.05
CA SER D 76 -2.11 -6.77 -15.93
C SER D 76 -1.69 -8.17 -16.36
N SER D 77 -2.15 -9.21 -15.66
CA SER D 77 -1.83 -10.60 -15.98
C SER D 77 -0.32 -10.86 -15.94
N THR D 78 0.40 -10.07 -15.16
CA THR D 78 1.84 -10.21 -15.02
C THR D 78 2.19 -10.64 -13.60
N ALA D 79 3.11 -11.59 -13.49
CA ALA D 79 3.63 -12.03 -12.21
C ALA D 79 4.98 -11.37 -11.99
N TYR D 80 5.16 -10.76 -10.82
CA TYR D 80 6.33 -9.95 -10.52
C TYR D 80 7.14 -10.61 -9.42
N MET D 81 8.43 -10.80 -9.67
CA MET D 81 9.38 -11.21 -8.65
C MET D 81 10.36 -10.06 -8.42
N GLN D 82 10.55 -9.71 -7.16
CA GLN D 82 11.43 -8.60 -6.79
C GLN D 82 12.53 -9.13 -5.87
N LEU D 83 13.70 -9.39 -6.45
CA LEU D 83 14.84 -9.81 -5.65
C LEU D 83 15.38 -8.62 -4.86
N ASN D 84 15.79 -8.89 -3.62
CA ASN D 84 16.32 -7.85 -2.75
C ASN D 84 17.68 -8.25 -2.22
N SER D 85 18.65 -7.34 -2.31
CA SER D 85 20.01 -7.56 -1.82
C SER D 85 20.61 -8.83 -2.44
N LEU D 86 20.62 -8.88 -3.76
CA LEU D 86 21.01 -10.09 -4.47
C LEU D 86 22.53 -10.17 -4.56
N THR D 87 23.11 -11.13 -3.84
CA THR D 87 24.54 -11.33 -3.79
C THR D 87 24.99 -11.99 -5.09
N SER D 88 26.27 -12.33 -5.21
CA SER D 88 26.75 -13.02 -6.41
C SER D 88 26.26 -14.44 -6.50
N GLU D 89 25.77 -15.01 -5.39
CA GLU D 89 25.18 -16.35 -5.41
C GLU D 89 23.82 -16.38 -6.08
N ASP D 90 23.24 -15.22 -6.39
CA ASP D 90 21.98 -15.12 -7.12
C ASP D 90 22.19 -14.92 -8.60
N SER D 91 23.30 -15.42 -9.14
CA SER D 91 23.60 -15.29 -10.57
C SER D 91 23.07 -16.55 -11.25
N ALA D 92 21.83 -16.49 -11.71
CA ALA D 92 21.16 -17.68 -12.19
C ALA D 92 20.10 -17.30 -13.22
N VAL D 93 19.32 -18.29 -13.63
CA VAL D 93 18.20 -18.11 -14.53
C VAL D 93 16.93 -18.36 -13.74
N TYR D 94 15.96 -17.46 -13.85
CA TYR D 94 14.81 -17.46 -12.94
C TYR D 94 13.54 -17.77 -13.72
N TYR D 95 13.07 -19.01 -13.62
CA TYR D 95 11.85 -19.42 -14.29
C TYR D 95 10.62 -19.12 -13.44
N CYS D 96 9.58 -18.62 -14.09
CA CYS D 96 8.24 -18.63 -13.53
C CYS D 96 7.47 -19.76 -14.17
N ALA D 97 6.64 -20.43 -13.38
CA ALA D 97 5.93 -21.59 -13.90
C ALA D 97 4.54 -21.68 -13.28
N ARG D 98 3.52 -21.65 -14.12
CA ARG D 98 2.16 -21.88 -13.64
C ARG D 98 2.04 -23.31 -13.15
N GLY D 99 1.63 -23.48 -11.90
CA GLY D 99 1.76 -24.80 -11.33
C GLY D 99 0.74 -25.26 -10.32
N GLU D 100 -0.40 -24.59 -10.24
CA GLU D 100 -1.42 -24.97 -9.27
C GLU D 100 -2.74 -24.33 -9.62
N SER D 101 -3.81 -25.12 -9.67
CA SER D 101 -5.08 -24.49 -9.95
C SER D 101 -5.63 -23.83 -8.69
N PHE D 102 -6.44 -22.80 -8.89
CA PHE D 102 -7.15 -22.23 -7.75
C PHE D 102 -8.33 -23.10 -7.37
N SER D 103 -8.97 -23.71 -8.36
CA SER D 103 -10.01 -24.69 -8.11
C SER D 103 -9.44 -26.09 -7.90
N ASN D 104 -8.13 -26.24 -8.05
CA ASN D 104 -7.45 -27.54 -7.94
C ASN D 104 -8.03 -28.56 -8.91
N TYR D 105 -8.68 -28.11 -9.97
CA TYR D 105 -9.15 -29.01 -11.03
C TYR D 105 -8.02 -29.25 -12.03
N GLU D 106 -6.96 -29.86 -11.52
CA GLU D 106 -5.91 -30.31 -12.40
C GLU D 106 -5.35 -31.68 -12.04
N GLY D 107 -5.64 -32.21 -10.85
CA GLY D 107 -5.00 -33.45 -10.49
C GLY D 107 -3.66 -33.17 -9.85
N TYR D 108 -2.62 -33.17 -10.67
CA TYR D 108 -1.26 -32.89 -10.22
C TYR D 108 -1.17 -31.51 -9.61
N TYR D 109 -0.01 -31.14 -9.10
CA TYR D 109 -0.04 -29.97 -8.24
C TYR D 109 1.24 -29.16 -8.39
N ALA D 110 2.02 -29.37 -9.46
CA ALA D 110 3.32 -28.71 -9.45
C ALA D 110 3.64 -27.69 -10.53
N MET D 111 3.72 -28.09 -11.80
CA MET D 111 4.43 -27.24 -12.76
C MET D 111 3.91 -27.24 -14.19
N ASP D 112 2.61 -27.02 -14.41
CA ASP D 112 2.02 -27.09 -15.75
C ASP D 112 2.89 -26.53 -16.86
N TYR D 113 3.19 -25.23 -16.83
CA TYR D 113 3.94 -24.60 -17.90
C TYR D 113 4.92 -23.59 -17.33
N TRP D 114 6.04 -23.43 -18.00
CA TRP D 114 7.17 -22.67 -17.51
C TRP D 114 7.46 -21.47 -18.40
N GLY D 115 8.15 -20.50 -17.83
CA GLY D 115 8.61 -19.35 -18.58
C GLY D 115 9.70 -19.70 -19.55
N GLN D 116 10.50 -18.71 -19.94
CA GLN D 116 11.59 -18.91 -20.87
C GLN D 116 12.95 -18.63 -20.28
N GLY D 117 13.03 -17.98 -19.12
CA GLY D 117 14.31 -17.73 -18.48
C GLY D 117 14.75 -16.29 -18.54
N THR D 118 15.06 -15.70 -17.38
CA THR D 118 15.55 -14.33 -17.29
C THR D 118 16.93 -14.37 -16.66
N SER D 119 17.95 -14.56 -17.48
CA SER D 119 19.32 -14.64 -16.99
C SER D 119 19.62 -13.43 -16.13
N VAL D 120 19.92 -13.66 -14.85
CA VAL D 120 20.20 -12.59 -13.91
C VAL D 120 21.65 -12.76 -13.47
N ILE D 121 22.48 -11.75 -13.75
CA ILE D 121 23.91 -11.79 -13.46
C ILE D 121 24.20 -10.73 -12.41
N VAL D 122 24.89 -11.11 -11.34
CA VAL D 122 25.11 -10.19 -10.23
C VAL D 122 26.39 -9.41 -10.42
N SER D 123 27.23 -9.81 -11.38
CA SER D 123 28.55 -9.20 -11.54
C SER D 123 28.44 -7.70 -11.82
N SER D 124 29.52 -6.98 -11.52
CA SER D 124 29.57 -5.53 -11.66
C SER D 124 29.35 -5.15 -13.12
N ALA D 125 28.62 -4.05 -13.32
CA ALA D 125 28.23 -3.59 -14.64
C ALA D 125 29.38 -2.83 -15.27
N LYS D 126 30.36 -3.55 -15.79
CA LYS D 126 31.52 -2.95 -16.44
C LYS D 126 31.60 -3.47 -17.87
N THR D 127 30.90 -2.79 -18.78
CA THR D 127 30.98 -3.16 -20.18
C THR D 127 32.40 -2.98 -20.70
N THR D 128 33.02 -4.07 -21.14
CA THR D 128 34.42 -4.06 -21.53
C THR D 128 34.56 -4.67 -22.93
N ALA D 129 35.51 -4.15 -23.69
CA ALA D 129 35.73 -4.63 -25.04
C ALA D 129 36.29 -6.06 -25.02
N PRO D 130 35.87 -6.89 -25.95
CA PRO D 130 36.34 -8.30 -26.01
C PRO D 130 37.68 -8.45 -26.71
N SER D 131 38.75 -8.27 -25.93
CA SER D 131 40.10 -8.46 -26.45
C SER D 131 40.27 -9.87 -27.00
N VAL D 132 40.84 -9.98 -28.19
CA VAL D 132 41.00 -11.24 -28.89
C VAL D 132 42.47 -11.56 -29.03
N TYR D 133 42.83 -12.81 -28.82
CA TYR D 133 44.23 -13.25 -28.82
C TYR D 133 44.33 -14.51 -29.66
N PRO D 134 44.61 -14.40 -30.97
CA PRO D 134 44.64 -15.58 -31.83
C PRO D 134 45.60 -16.64 -31.34
N LEU D 135 45.05 -17.78 -30.90
CA LEU D 135 45.85 -18.81 -30.25
C LEU D 135 46.63 -19.59 -31.30
N ALA D 136 47.91 -19.27 -31.43
CA ALA D 136 48.80 -19.92 -32.37
C ALA D 136 49.11 -21.35 -31.93
N PRO D 137 49.57 -22.20 -32.86
CA PRO D 137 49.96 -23.57 -32.48
C PRO D 137 51.12 -23.62 -31.50
N VAL D 138 51.54 -24.83 -31.12
CA VAL D 138 52.50 -25.02 -30.04
C VAL D 138 53.81 -24.31 -30.37
N CYS D 139 54.49 -24.75 -31.42
CA CYS D 139 55.75 -24.13 -31.82
C CYS D 139 56.10 -24.61 -33.22
N GLY D 140 56.22 -23.66 -34.16
CA GLY D 140 56.75 -23.97 -35.47
C GLY D 140 55.94 -24.96 -36.29
N ASP D 141 54.68 -25.21 -35.92
CA ASP D 141 53.80 -26.11 -36.65
C ASP D 141 54.43 -27.51 -36.78
N THR D 142 54.58 -28.15 -35.63
CA THR D 142 55.12 -29.50 -35.59
C THR D 142 54.22 -30.46 -36.38
N SER D 143 54.82 -31.56 -36.83
CA SER D 143 54.15 -32.49 -37.74
C SER D 143 53.09 -33.28 -36.98
N GLY D 144 52.43 -34.21 -37.67
CA GLY D 144 51.36 -34.99 -37.09
C GLY D 144 50.20 -35.19 -38.03
N SER D 145 50.19 -34.42 -39.12
CA SER D 145 49.17 -34.46 -40.17
C SER D 145 47.79 -34.03 -39.69
N SER D 146 47.67 -33.62 -38.42
CA SER D 146 46.39 -33.16 -37.88
C SER D 146 46.70 -32.10 -36.82
N VAL D 147 46.66 -30.82 -37.22
CA VAL D 147 46.95 -29.71 -36.33
C VAL D 147 45.72 -28.83 -36.23
N THR D 148 45.39 -28.40 -35.03
CA THR D 148 44.22 -27.57 -34.76
C THR D 148 44.65 -26.13 -34.49
N LEU D 149 43.68 -25.22 -34.63
CA LEU D 149 43.90 -23.80 -34.42
C LEU D 149 42.88 -23.30 -33.40
N GLY D 150 43.32 -22.45 -32.49
CA GLY D 150 42.49 -21.95 -31.43
C GLY D 150 42.28 -20.45 -31.48
N CYS D 151 41.44 -19.97 -30.57
CA CYS D 151 41.13 -18.55 -30.47
C CYS D 151 40.63 -18.27 -29.06
N LEU D 152 41.09 -17.15 -28.49
CA LEU D 152 40.76 -16.79 -27.13
C LEU D 152 40.13 -15.40 -27.12
N VAL D 153 39.14 -15.22 -26.27
CA VAL D 153 38.47 -13.94 -26.08
C VAL D 153 38.32 -13.73 -24.57
N LYS D 154 39.19 -12.93 -23.98
CA LYS D 154 39.19 -12.70 -22.54
C LYS D 154 38.74 -11.29 -22.24
N GLY D 155 38.18 -11.10 -21.05
CA GLY D 155 37.89 -9.77 -20.54
C GLY D 155 36.78 -9.06 -21.27
N TYR D 156 35.55 -9.55 -21.16
CA TYR D 156 34.41 -8.88 -21.77
C TYR D 156 33.20 -9.09 -20.89
N PHE D 157 32.09 -8.45 -21.26
CA PHE D 157 30.83 -8.52 -20.53
C PHE D 157 29.79 -7.80 -21.39
N PRO D 158 28.55 -8.30 -21.46
CA PRO D 158 27.95 -9.50 -20.87
C PRO D 158 28.19 -10.77 -21.68
N GLU D 159 27.39 -11.80 -21.39
CA GLU D 159 27.64 -13.13 -21.93
C GLU D 159 27.63 -13.20 -23.46
N PRO D 160 26.61 -12.70 -24.17
CA PRO D 160 26.47 -13.09 -25.58
C PRO D 160 27.52 -12.48 -26.48
N VAL D 161 28.46 -13.30 -26.93
CA VAL D 161 29.50 -12.90 -27.87
C VAL D 161 29.61 -13.98 -28.92
N THR D 162 29.32 -13.63 -30.18
CA THR D 162 29.43 -14.59 -31.26
C THR D 162 30.89 -14.69 -31.72
N LEU D 163 31.33 -15.91 -32.02
CA LEU D 163 32.64 -16.14 -32.62
C LEU D 163 32.45 -17.02 -33.83
N THR D 164 32.93 -16.57 -34.98
CA THR D 164 32.91 -17.33 -36.21
C THR D 164 34.32 -17.45 -36.74
N TRP D 165 34.51 -18.39 -37.67
CA TRP D 165 35.83 -18.68 -38.22
C TRP D 165 35.78 -18.38 -39.71
N ASN D 166 36.63 -17.46 -40.16
CA ASN D 166 36.57 -16.91 -41.51
C ASN D 166 35.16 -16.37 -41.80
N SER D 167 34.61 -15.68 -40.80
CA SER D 167 33.27 -15.08 -40.88
C SER D 167 32.21 -16.10 -41.27
N GLY D 168 32.14 -17.18 -40.49
CA GLY D 168 31.08 -18.15 -40.69
C GLY D 168 31.19 -18.97 -41.95
N SER D 169 32.38 -19.06 -42.53
CA SER D 169 32.57 -19.87 -43.74
C SER D 169 33.01 -21.30 -43.39
N LEU D 170 34.14 -21.42 -42.69
CA LEU D 170 34.67 -22.72 -42.29
C LEU D 170 34.27 -22.98 -40.84
N SER D 171 33.14 -23.67 -40.67
CA SER D 171 32.66 -24.06 -39.36
C SER D 171 32.74 -25.57 -39.15
N SER D 172 33.75 -26.21 -39.74
CA SER D 172 33.99 -27.64 -39.59
C SER D 172 35.13 -27.84 -38.62
N GLY D 173 34.96 -28.79 -37.70
CA GLY D 173 35.94 -28.98 -36.66
C GLY D 173 36.00 -27.86 -35.66
N VAL D 174 35.00 -26.99 -35.65
CA VAL D 174 34.94 -25.85 -34.74
C VAL D 174 34.46 -26.34 -33.38
N HIS D 175 34.94 -25.69 -32.32
CA HIS D 175 34.45 -25.92 -30.97
C HIS D 175 34.39 -24.58 -30.26
N THR D 176 33.19 -24.17 -29.87
CA THR D 176 32.99 -22.92 -29.14
C THR D 176 32.56 -23.26 -27.72
N PHE D 177 33.20 -22.61 -26.76
CA PHE D 177 33.03 -23.03 -25.38
C PHE D 177 32.23 -22.00 -24.59
N PRO D 178 31.54 -22.43 -23.54
CA PRO D 178 30.66 -21.50 -22.81
C PRO D 178 31.42 -20.32 -22.24
N ALA D 179 30.72 -19.18 -22.20
CA ALA D 179 31.29 -17.93 -21.73
C ALA D 179 31.41 -17.99 -20.21
N VAL D 180 32.46 -18.64 -19.74
CA VAL D 180 32.69 -18.81 -18.31
C VAL D 180 32.96 -17.45 -17.69
N LEU D 181 32.63 -17.32 -16.41
CA LEU D 181 32.86 -16.07 -15.68
C LEU D 181 34.17 -16.14 -14.92
N GLN D 182 34.83 -15.00 -14.78
CA GLN D 182 36.08 -14.92 -14.02
C GLN D 182 36.20 -13.51 -13.46
N SER D 183 35.84 -13.36 -12.18
CA SER D 183 36.00 -12.10 -11.44
C SER D 183 35.44 -10.92 -12.23
N ASP D 184 34.12 -10.98 -12.45
CA ASP D 184 33.34 -9.93 -13.09
C ASP D 184 33.71 -9.71 -14.55
N LEU D 185 34.28 -10.72 -15.22
CA LEU D 185 34.57 -10.62 -16.64
C LEU D 185 34.58 -12.02 -17.23
N TYR D 186 33.95 -12.16 -18.40
CA TYR D 186 33.80 -13.45 -19.03
C TYR D 186 35.05 -13.82 -19.84
N THR D 187 35.04 -15.03 -20.38
CA THR D 187 36.17 -15.52 -21.18
C THR D 187 35.66 -16.58 -22.14
N LEU D 188 35.50 -16.21 -23.40
CA LEU D 188 35.13 -17.17 -24.43
C LEU D 188 36.36 -17.69 -25.12
N SER D 189 36.38 -18.99 -25.38
CA SER D 189 37.47 -19.62 -26.11
C SER D 189 36.88 -20.37 -27.30
N SER D 190 37.75 -20.70 -28.26
CA SER D 190 37.29 -21.42 -29.43
C SER D 190 38.43 -22.22 -30.01
N SER D 191 38.06 -23.22 -30.81
CA SER D 191 39.04 -24.08 -31.47
C SER D 191 38.50 -24.51 -32.82
N VAL D 192 39.38 -24.56 -33.80
CA VAL D 192 39.08 -25.15 -35.10
C VAL D 192 40.17 -26.17 -35.41
N THR D 193 39.76 -27.33 -35.92
CA THR D 193 40.69 -28.40 -36.25
C THR D 193 40.71 -28.58 -37.75
N VAL D 194 41.90 -28.54 -38.33
CA VAL D 194 42.11 -28.65 -39.76
C VAL D 194 43.25 -29.63 -40.00
N THR D 195 43.59 -29.80 -41.29
CA THR D 195 44.74 -30.61 -41.66
C THR D 195 45.98 -29.74 -41.73
N SER D 196 47.15 -30.38 -41.57
CA SER D 196 48.41 -29.67 -41.61
C SER D 196 48.73 -29.11 -43.00
N SER D 197 47.99 -29.52 -44.02
CA SER D 197 48.18 -28.97 -45.37
C SER D 197 47.37 -27.71 -45.60
N THR D 198 46.17 -27.63 -45.02
CA THR D 198 45.32 -26.45 -45.22
C THR D 198 45.87 -25.22 -44.50
N TRP D 199 46.63 -25.43 -43.43
CA TRP D 199 47.24 -24.29 -42.76
C TRP D 199 48.75 -24.48 -42.69
N PRO D 200 49.54 -23.40 -42.83
CA PRO D 200 49.15 -22.01 -43.05
C PRO D 200 48.88 -21.68 -44.52
N SER D 201 48.57 -22.69 -45.33
CA SER D 201 48.29 -22.43 -46.74
C SER D 201 47.06 -21.54 -46.92
N GLN D 202 46.02 -21.76 -46.11
CA GLN D 202 44.82 -20.95 -46.16
C GLN D 202 44.80 -19.99 -44.98
N SER D 203 44.52 -18.72 -45.27
CA SER D 203 44.54 -17.68 -44.25
C SER D 203 43.29 -17.82 -43.37
N ILE D 204 43.48 -18.37 -42.17
CA ILE D 204 42.40 -18.55 -41.22
C ILE D 204 42.36 -17.34 -40.30
N THR D 205 41.17 -16.76 -40.13
CA THR D 205 41.00 -15.59 -39.28
C THR D 205 39.98 -15.88 -38.18
N CYS D 206 39.96 -14.99 -37.19
CA CYS D 206 39.06 -15.09 -36.04
C CYS D 206 38.37 -13.75 -35.85
N ASN D 207 37.04 -13.79 -35.70
CA ASN D 207 36.26 -12.57 -35.53
C ASN D 207 35.21 -12.74 -34.45
N VAL D 208 34.90 -11.63 -33.77
CA VAL D 208 33.90 -11.62 -32.71
C VAL D 208 32.87 -10.54 -33.00
N ALA D 209 31.79 -10.54 -32.22
CA ALA D 209 30.74 -9.53 -32.34
C ALA D 209 30.13 -9.31 -30.96
N HIS D 210 30.62 -8.30 -30.25
CA HIS D 210 30.08 -7.96 -28.95
C HIS D 210 29.07 -6.83 -29.09
N PRO D 211 27.81 -7.03 -28.71
CA PRO D 211 26.80 -5.99 -28.91
C PRO D 211 27.01 -4.75 -28.04
N ALA D 212 27.17 -4.94 -26.73
CA ALA D 212 27.24 -3.81 -25.81
C ALA D 212 28.51 -2.98 -25.99
N SER D 213 29.49 -3.48 -26.74
CA SER D 213 30.65 -2.70 -27.13
C SER D 213 30.68 -2.39 -28.61
N SER D 214 29.79 -2.99 -29.40
CA SER D 214 29.71 -2.77 -30.84
C SER D 214 31.06 -3.00 -31.51
N THR D 215 31.76 -4.05 -31.07
CA THR D 215 33.11 -4.34 -31.51
C THR D 215 33.11 -5.54 -32.45
N LYS D 216 33.86 -5.44 -33.54
CA LYS D 216 34.05 -6.53 -34.49
C LYS D 216 35.55 -6.66 -34.71
N VAL D 217 36.22 -7.40 -33.82
CA VAL D 217 37.66 -7.60 -33.94
C VAL D 217 37.92 -8.73 -34.93
N ASP D 218 38.77 -8.46 -35.91
CA ASP D 218 39.19 -9.46 -36.89
C ASP D 218 40.70 -9.64 -36.79
N LYS D 219 41.11 -10.83 -36.38
CA LYS D 219 42.53 -11.13 -36.21
C LYS D 219 42.79 -12.54 -36.68
N LYS D 220 43.86 -12.73 -37.47
CA LYS D 220 44.17 -14.02 -38.08
C LYS D 220 45.42 -14.59 -37.44
N ILE D 221 45.45 -15.92 -37.29
CA ILE D 221 46.49 -16.60 -36.54
C ILE D 221 47.79 -16.61 -37.35
N GLU D 222 48.90 -16.31 -36.68
CA GLU D 222 50.23 -16.38 -37.26
C GLU D 222 50.95 -17.65 -36.79
N PRO D 223 51.77 -18.25 -37.64
CA PRO D 223 52.60 -19.38 -37.19
C PRO D 223 53.82 -18.89 -36.43
N ARG D 224 53.95 -19.34 -35.19
CA ARG D 224 55.05 -18.91 -34.33
C ARG D 224 56.37 -19.50 -34.80
N ASP E 1 -20.52 24.70 0.32
CA ASP E 1 -21.93 24.46 0.64
C ASP E 1 -22.60 25.73 1.13
N VAL E 2 -22.71 25.86 2.45
CA VAL E 2 -23.36 27.04 3.02
C VAL E 2 -22.40 28.23 2.95
N LEU E 3 -22.66 29.12 2.01
CA LEU E 3 -21.79 30.27 1.78
C LEU E 3 -22.03 31.24 2.93
N MET E 4 -21.45 30.94 4.08
CA MET E 4 -21.68 31.63 5.33
C MET E 4 -20.96 32.97 5.32
N THR E 5 -21.38 33.87 6.20
CA THR E 5 -20.84 35.23 6.17
C THR E 5 -20.98 35.90 7.53
N GLN E 6 -20.27 37.01 7.69
CA GLN E 6 -20.29 37.81 8.91
C GLN E 6 -20.50 39.27 8.56
N THR E 7 -21.08 40.03 9.49
CA THR E 7 -21.20 41.46 9.37
C THR E 7 -21.01 42.09 10.75
N PRO E 8 -20.25 43.18 10.86
CA PRO E 8 -19.48 43.77 9.77
C PRO E 8 -18.11 43.11 9.67
N LEU E 9 -17.29 43.50 8.69
CA LEU E 9 -15.94 42.96 8.58
C LEU E 9 -14.94 43.65 9.49
N SER E 10 -15.20 44.90 9.86
CA SER E 10 -14.36 45.61 10.82
C SER E 10 -15.26 46.10 11.95
N LEU E 11 -14.78 45.98 13.18
CA LEU E 11 -15.60 46.26 14.36
C LEU E 11 -14.85 47.24 15.25
N PRO E 12 -14.91 48.54 14.97
CA PRO E 12 -14.22 49.53 15.80
C PRO E 12 -14.93 49.71 17.13
N VAL E 13 -14.33 49.21 18.20
CA VAL E 13 -14.89 49.30 19.53
C VAL E 13 -13.86 49.92 20.46
N SER E 14 -14.22 50.12 21.72
CA SER E 14 -13.28 50.61 22.71
C SER E 14 -12.85 49.47 23.63
N LEU E 15 -12.03 49.77 24.61
CA LEU E 15 -11.59 48.79 25.61
C LEU E 15 -12.43 48.99 26.86
N GLY E 16 -13.30 48.03 27.15
CA GLY E 16 -14.24 48.14 28.24
C GLY E 16 -15.67 48.40 27.84
N ASP E 17 -16.06 48.08 26.61
CA ASP E 17 -17.42 48.25 26.12
C ASP E 17 -17.95 46.91 25.61
N GLN E 18 -19.18 46.93 25.11
CA GLN E 18 -19.82 45.73 24.60
C GLN E 18 -19.84 45.74 23.09
N ALA E 19 -19.36 44.65 22.49
CA ALA E 19 -19.26 44.52 21.05
C ALA E 19 -20.09 43.33 20.60
N SER E 20 -20.95 43.55 19.60
CA SER E 20 -21.83 42.51 19.09
C SER E 20 -21.40 42.14 17.68
N ILE E 21 -21.11 40.86 17.46
CA ILE E 21 -20.68 40.34 16.17
C ILE E 21 -21.81 39.49 15.61
N SER E 22 -22.36 39.91 14.47
CA SER E 22 -23.40 39.14 13.84
C SER E 22 -22.80 37.98 13.06
N CYS E 23 -23.64 36.99 12.76
CA CYS E 23 -23.21 35.83 11.98
C CYS E 23 -24.47 35.24 11.31
N ARG E 24 -24.65 35.54 10.04
CA ARG E 24 -25.84 35.15 9.30
C ARG E 24 -25.48 34.08 8.30
N SER E 25 -26.03 32.88 8.50
CA SER E 25 -25.77 31.76 7.61
C SER E 25 -26.43 31.98 6.25
N SER E 26 -26.21 31.05 5.34
CA SER E 26 -26.88 31.06 4.05
C SER E 26 -28.13 30.19 4.07
N GLN E 27 -28.02 28.99 4.60
CA GLN E 27 -29.17 28.13 4.89
C GLN E 27 -29.06 27.65 6.33
N SER E 28 -30.20 27.23 6.89
CA SER E 28 -30.29 26.97 8.32
C SER E 28 -29.30 25.89 8.71
N LEU E 29 -28.48 26.18 9.72
CA LEU E 29 -27.48 25.25 10.22
C LEU E 29 -28.00 24.52 11.45
N VAL E 30 -29.13 23.86 11.26
CA VAL E 30 -29.66 22.91 12.23
C VAL E 30 -29.52 21.52 11.63
N HIS E 31 -28.93 20.61 12.40
CA HIS E 31 -28.56 19.33 11.85
C HIS E 31 -29.72 18.35 11.94
N SER E 32 -29.62 17.25 11.19
CA SER E 32 -30.60 16.18 11.36
C SER E 32 -30.62 15.69 12.79
N ASP E 33 -29.45 15.62 13.44
CA ASP E 33 -29.42 15.38 14.88
C ASP E 33 -30.15 16.48 15.62
N GLY E 34 -29.95 17.73 15.22
CA GLY E 34 -30.79 18.80 15.68
C GLY E 34 -30.23 19.72 16.76
N ASN E 35 -28.98 20.16 16.63
CA ASN E 35 -28.51 21.26 17.49
C ASN E 35 -27.42 22.09 16.82
N THR E 36 -27.83 23.13 16.09
CA THR E 36 -27.15 24.43 16.01
C THR E 36 -25.62 24.42 16.06
N TYR E 37 -24.97 23.81 15.07
CA TYR E 37 -23.51 23.86 15.02
C TYR E 37 -23.01 25.17 14.42
N LEU E 38 -22.71 26.16 15.26
CA LEU E 38 -22.29 27.51 14.84
C LEU E 38 -21.08 27.95 15.65
N HIS E 39 -20.05 27.12 15.67
CA HIS E 39 -18.91 27.33 16.53
C HIS E 39 -18.23 28.67 16.27
N TRP E 40 -17.70 29.28 17.32
CA TRP E 40 -17.03 30.58 17.22
C TRP E 40 -15.57 30.45 17.62
N TYR E 41 -14.67 30.92 16.76
CA TYR E 41 -13.24 30.91 17.02
C TYR E 41 -12.69 32.33 17.08
N LEU E 42 -11.72 32.53 17.95
CA LEU E 42 -10.99 33.78 18.07
C LEU E 42 -9.55 33.53 17.64
N GLN E 43 -9.07 34.30 16.68
CA GLN E 43 -7.69 34.20 16.22
C GLN E 43 -6.97 35.48 16.61
N LYS E 44 -6.28 35.43 17.75
CA LYS E 44 -5.50 36.58 18.19
C LYS E 44 -4.46 36.93 17.14
N PRO E 45 -4.09 38.20 17.01
CA PRO E 45 -3.20 38.61 15.91
C PRO E 45 -1.90 37.83 15.88
N GLY E 46 -1.67 37.08 14.80
CA GLY E 46 -0.49 36.27 14.66
C GLY E 46 -0.45 35.08 15.60
N GLN E 47 -1.50 34.26 15.57
CA GLN E 47 -1.59 33.05 16.37
C GLN E 47 -2.41 32.04 15.59
N SER E 48 -2.85 31.01 16.26
CA SER E 48 -3.79 30.13 15.59
C SER E 48 -5.17 30.28 16.20
N PRO E 49 -6.23 30.18 15.41
CA PRO E 49 -7.58 30.38 15.95
C PRO E 49 -7.93 29.29 16.94
N LYS E 50 -8.17 29.68 18.19
CA LYS E 50 -8.63 28.74 19.19
C LYS E 50 -10.13 28.89 19.39
N LEU E 51 -10.78 27.78 19.75
CA LEU E 51 -12.23 27.77 19.84
C LEU E 51 -12.70 28.61 21.00
N LEU E 52 -13.76 29.38 20.77
CA LEU E 52 -14.31 30.25 21.79
C LEU E 52 -15.72 29.83 22.19
N ILE E 53 -16.65 29.74 21.23
CA ILE E 53 -18.02 29.36 21.49
C ILE E 53 -18.36 28.19 20.58
N TYR E 54 -18.97 27.15 21.16
CA TYR E 54 -19.39 25.99 20.40
C TYR E 54 -20.87 25.75 20.64
N LYS E 55 -21.59 25.39 19.57
CA LYS E 55 -23.01 25.08 19.72
C LYS E 55 -23.68 26.29 20.33
N VAL E 56 -23.88 27.34 19.53
CA VAL E 56 -23.70 28.74 19.86
C VAL E 56 -24.08 29.10 21.31
N SER E 57 -25.05 28.41 21.88
CA SER E 57 -25.40 28.69 23.27
C SER E 57 -24.20 28.49 24.20
N ASN E 58 -23.49 27.37 24.05
CA ASN E 58 -22.52 26.95 25.07
C ASN E 58 -21.24 27.79 25.01
N ARG E 59 -20.28 27.45 25.86
CA ARG E 59 -18.98 28.11 25.91
C ARG E 59 -17.89 27.07 26.11
N PHE E 60 -16.70 27.36 25.59
CA PHE E 60 -15.58 26.45 25.74
C PHE E 60 -14.90 26.65 27.09
N SER E 61 -14.06 25.67 27.46
CA SER E 61 -13.31 25.77 28.70
C SER E 61 -12.17 26.77 28.57
N GLY E 62 -11.75 27.32 29.69
CA GLY E 62 -10.71 28.33 29.69
C GLY E 62 -11.13 29.65 29.10
N VAL E 63 -12.42 29.83 28.80
CA VAL E 63 -12.94 31.01 28.14
C VAL E 63 -13.52 31.93 29.20
N PRO E 64 -13.03 33.16 29.34
CA PRO E 64 -13.62 34.09 30.31
C PRO E 64 -15.05 34.42 29.95
N ASP E 65 -15.82 34.74 30.99
CA ASP E 65 -17.25 35.00 30.85
C ASP E 65 -17.55 36.28 30.08
N ARG E 66 -16.53 36.99 29.60
CA ARG E 66 -16.77 38.21 28.84
C ARG E 66 -17.52 37.93 27.55
N PHE E 67 -17.32 36.75 26.95
CA PHE E 67 -17.96 36.41 25.69
C PHE E 67 -19.35 35.84 25.93
N SER E 68 -20.30 36.29 25.12
CA SER E 68 -21.67 35.81 25.19
C SER E 68 -22.13 35.45 23.80
N GLY E 69 -22.46 34.18 23.59
CA GLY E 69 -22.94 33.71 22.30
C GLY E 69 -24.40 33.27 22.43
N SER E 70 -25.22 33.78 21.52
CA SER E 70 -26.65 33.52 21.57
C SER E 70 -27.20 33.50 20.14
N GLY E 71 -28.52 33.37 20.03
CA GLY E 71 -29.18 33.25 18.75
C GLY E 71 -29.36 31.79 18.34
N SER E 72 -30.21 31.60 17.34
CA SER E 72 -30.48 30.27 16.83
C SER E 72 -31.11 30.40 15.45
N GLY E 73 -31.14 29.27 14.73
CA GLY E 73 -31.74 29.25 13.42
C GLY E 73 -30.77 29.53 12.29
N THR E 74 -30.75 30.76 11.81
CA THR E 74 -29.86 31.15 10.72
C THR E 74 -29.07 32.39 11.10
N ASP E 75 -29.60 33.18 12.04
CA ASP E 75 -28.93 34.39 12.50
C ASP E 75 -28.39 34.17 13.91
N PHE E 76 -27.07 34.27 14.06
CA PHE E 76 -26.39 34.03 15.31
C PHE E 76 -25.51 35.22 15.64
N THR E 77 -25.20 35.38 16.93
CA THR E 77 -24.50 36.58 17.37
C THR E 77 -23.64 36.27 18.58
N LEU E 78 -22.42 36.79 18.56
CA LEU E 78 -21.50 36.73 19.70
C LEU E 78 -21.32 38.15 20.22
N LYS E 79 -21.63 38.35 21.49
CA LYS E 79 -21.54 39.66 22.12
C LYS E 79 -20.54 39.64 23.27
N ILE E 80 -19.77 40.71 23.40
CA ILE E 80 -18.79 40.86 24.48
C ILE E 80 -19.43 41.69 25.58
N SER E 81 -19.08 41.39 26.83
CA SER E 81 -19.53 42.23 27.93
C SER E 81 -18.67 43.47 28.06
N ARG E 82 -17.39 43.29 28.32
CA ARG E 82 -16.42 44.39 28.39
C ARG E 82 -15.20 43.98 27.57
N VAL E 83 -14.96 44.69 26.47
CA VAL E 83 -13.85 44.36 25.59
C VAL E 83 -12.54 44.59 26.32
N GLU E 84 -11.82 43.50 26.60
CA GLU E 84 -10.52 43.57 27.24
C GLU E 84 -9.42 43.56 26.19
N ALA E 85 -8.18 43.79 26.65
CA ALA E 85 -7.05 43.84 25.74
C ALA E 85 -6.60 42.45 25.31
N GLU E 86 -7.02 41.40 26.00
CA GLU E 86 -6.70 40.03 25.63
C GLU E 86 -7.73 39.42 24.70
N ASP E 87 -8.76 40.17 24.31
CA ASP E 87 -9.82 39.66 23.47
C ASP E 87 -9.77 40.18 22.05
N LEU E 88 -8.81 41.03 21.71
CA LEU E 88 -8.71 41.54 20.35
C LEU E 88 -8.19 40.46 19.40
N GLY E 89 -8.56 40.61 18.15
CA GLY E 89 -8.15 39.68 17.12
C GLY E 89 -9.17 39.67 16.00
N VAL E 90 -9.39 38.49 15.44
CA VAL E 90 -10.42 38.28 14.43
C VAL E 90 -11.28 37.11 14.88
N TYR E 91 -12.59 37.25 14.68
CA TYR E 91 -13.58 36.30 15.22
C TYR E 91 -14.21 35.54 14.07
N PHE E 92 -13.93 34.25 14.00
CA PHE E 92 -14.53 33.39 12.99
C PHE E 92 -15.69 32.63 13.61
N CYS E 93 -16.84 32.71 12.97
CA CYS E 93 -17.99 31.87 13.28
C CYS E 93 -18.08 30.86 12.16
N SER E 94 -17.92 29.59 12.49
CA SER E 94 -17.95 28.53 11.50
C SER E 94 -19.24 27.75 11.64
N GLN E 95 -19.36 26.66 10.88
CA GLN E 95 -20.46 25.74 11.05
C GLN E 95 -19.90 24.34 10.95
N SER E 96 -20.70 23.36 11.34
CA SER E 96 -20.24 21.98 11.25
C SER E 96 -21.34 21.05 10.78
N THR E 97 -22.47 21.55 10.29
CA THR E 97 -23.54 20.67 9.88
C THR E 97 -23.32 20.15 8.47
N HIS E 98 -23.29 21.03 7.49
CA HIS E 98 -23.21 20.64 6.10
C HIS E 98 -21.77 20.57 5.66
N VAL E 99 -21.29 19.38 5.33
CA VAL E 99 -19.96 19.24 4.74
C VAL E 99 -19.95 19.96 3.39
N PRO E 100 -18.94 20.80 3.09
CA PRO E 100 -17.76 21.15 3.89
C PRO E 100 -18.06 22.14 5.01
N TRP E 101 -17.39 21.98 6.16
CA TRP E 101 -17.62 22.85 7.31
C TRP E 101 -16.95 24.20 7.02
N THR E 102 -17.61 25.00 6.20
CA THR E 102 -17.09 26.31 5.84
C THR E 102 -16.93 27.19 7.07
N PHE E 103 -16.20 28.28 6.90
CA PHE E 103 -15.97 29.25 7.95
C PHE E 103 -16.48 30.61 7.51
N GLY E 104 -16.68 31.49 8.48
CA GLY E 104 -17.11 32.83 8.17
C GLY E 104 -16.00 33.69 7.62
N GLY E 105 -16.38 34.84 7.07
CA GLY E 105 -15.39 35.76 6.55
C GLY E 105 -14.49 36.33 7.63
N GLY E 106 -14.95 36.30 8.88
CA GLY E 106 -14.15 36.77 9.98
C GLY E 106 -14.17 38.28 10.10
N THR E 107 -14.23 38.78 11.32
CA THR E 107 -14.26 40.21 11.58
C THR E 107 -13.21 40.56 12.62
N LYS E 108 -12.55 41.70 12.43
CA LYS E 108 -11.48 42.08 13.33
C LYS E 108 -12.04 42.79 14.56
N LEU E 109 -11.16 43.02 15.54
CA LEU E 109 -11.51 43.73 16.77
C LEU E 109 -10.47 44.82 16.98
N GLU E 110 -10.71 45.99 16.37
CA GLU E 110 -9.81 47.11 16.50
C GLU E 110 -10.13 47.88 17.78
N ILE E 111 -9.53 49.06 17.93
CA ILE E 111 -9.81 49.97 19.04
C ILE E 111 -10.31 51.29 18.46
N LYS E 112 -11.40 51.80 19.01
CA LYS E 112 -12.03 53.01 18.51
C LYS E 112 -11.28 54.22 19.06
N ARG E 113 -10.09 54.45 18.53
CA ARG E 113 -9.33 55.63 18.90
C ARG E 113 -9.92 56.86 18.23
N ALA E 114 -9.36 58.02 18.55
CA ALA E 114 -9.77 59.25 17.92
C ALA E 114 -9.40 59.21 16.43
N ASP E 115 -10.29 59.75 15.60
CA ASP E 115 -10.04 59.78 14.16
C ASP E 115 -8.93 60.77 13.86
N ALA E 116 -7.94 60.33 13.08
CA ALA E 116 -6.77 61.13 12.79
C ALA E 116 -6.57 61.23 11.28
N ALA E 117 -5.81 62.25 10.87
CA ALA E 117 -5.51 62.43 9.46
C ALA E 117 -4.14 61.87 9.13
N PRO E 118 -3.97 61.27 7.96
CA PRO E 118 -2.69 60.66 7.63
C PRO E 118 -1.58 61.70 7.48
N THR E 119 -0.36 61.29 7.83
CA THR E 119 0.82 62.11 7.58
C THR E 119 1.45 61.61 6.28
N VAL E 120 0.78 61.95 5.18
CA VAL E 120 1.22 61.48 3.87
C VAL E 120 2.57 62.12 3.53
N SER E 121 3.44 61.33 2.88
CA SER E 121 4.76 61.81 2.53
C SER E 121 5.26 61.00 1.34
N ILE E 122 5.26 61.62 0.16
CA ILE E 122 5.87 60.99 -1.01
C ILE E 122 7.36 60.83 -0.78
N PHE E 123 7.91 59.71 -1.23
CA PHE E 123 9.34 59.45 -1.14
C PHE E 123 9.87 59.13 -2.53
N PRO E 124 10.52 60.09 -3.19
CA PRO E 124 11.06 59.84 -4.53
C PRO E 124 12.15 58.78 -4.48
N PRO E 125 12.44 58.14 -5.61
CA PRO E 125 13.51 57.13 -5.62
C PRO E 125 14.82 57.72 -5.13
N SER E 126 15.54 56.91 -4.35
CA SER E 126 16.74 57.36 -3.63
C SER E 126 17.84 57.77 -4.60
N SER E 127 18.91 58.33 -4.03
CA SER E 127 20.11 58.57 -4.82
C SER E 127 20.70 57.27 -5.33
N GLU E 128 20.61 56.20 -4.55
CA GLU E 128 21.10 54.91 -5.03
C GLU E 128 20.20 54.36 -6.13
N GLN E 129 18.89 54.65 -6.07
CA GLN E 129 18.01 54.45 -7.21
C GLN E 129 18.51 55.11 -8.48
N LEU E 130 19.06 56.32 -8.40
CA LEU E 130 19.54 56.99 -9.60
C LEU E 130 20.65 56.20 -10.29
N THR E 131 21.35 55.34 -9.55
CA THR E 131 22.37 54.46 -10.10
C THR E 131 22.07 52.98 -9.86
N SER E 132 20.80 52.62 -9.69
CA SER E 132 20.43 51.26 -9.34
C SER E 132 20.12 50.39 -10.54
N GLY E 133 19.61 50.97 -11.63
CA GLY E 133 19.09 50.21 -12.74
C GLY E 133 17.58 50.02 -12.71
N GLY E 134 16.94 50.21 -11.55
CA GLY E 134 15.51 50.17 -11.43
C GLY E 134 14.98 51.44 -10.79
N ALA E 135 13.67 51.62 -10.88
CA ALA E 135 13.01 52.78 -10.30
C ALA E 135 11.83 52.32 -9.46
N SER E 136 11.75 52.84 -8.24
CA SER E 136 10.68 52.47 -7.31
C SER E 136 10.38 53.67 -6.42
N VAL E 137 9.38 54.46 -6.80
CA VAL E 137 8.92 55.55 -5.95
C VAL E 137 7.88 55.00 -4.97
N VAL E 138 7.92 55.49 -3.73
CA VAL E 138 7.08 54.98 -2.66
C VAL E 138 6.46 56.16 -1.95
N CYS E 139 5.19 56.04 -1.57
CA CYS E 139 4.48 57.07 -0.81
C CYS E 139 3.98 56.45 0.48
N PHE E 140 4.34 57.06 1.61
CA PHE E 140 3.93 56.56 2.91
C PHE E 140 2.70 57.29 3.42
N LEU E 141 1.77 56.52 3.97
CA LEU E 141 0.58 57.04 4.64
C LEU E 141 0.70 56.59 6.08
N ASN E 142 1.12 57.50 6.96
CA ASN E 142 1.46 57.14 8.33
C ASN E 142 0.49 57.78 9.32
N ASN E 143 0.15 57.03 10.36
CA ASN E 143 -0.52 57.53 11.56
C ASN E 143 -1.89 58.15 11.20
N PHE E 144 -2.76 57.30 10.68
CA PHE E 144 -4.14 57.69 10.41
C PHE E 144 -5.10 56.70 11.06
N TYR E 145 -6.39 56.92 10.82
CA TYR E 145 -7.45 56.10 11.39
C TYR E 145 -8.77 56.50 10.73
N PRO E 146 -9.67 55.55 10.44
CA PRO E 146 -9.58 54.10 10.62
C PRO E 146 -8.91 53.38 9.45
N LYS E 147 -9.04 52.06 9.42
CA LYS E 147 -8.45 51.23 8.38
C LYS E 147 -8.86 51.65 6.97
N ASP E 148 -10.08 52.14 6.79
CA ASP E 148 -10.60 52.43 5.46
C ASP E 148 -9.78 53.55 4.82
N ILE E 149 -8.95 53.19 3.84
CA ILE E 149 -8.12 54.15 3.13
C ILE E 149 -7.77 53.54 1.79
N ASN E 150 -7.42 54.40 0.84
CA ASN E 150 -7.03 53.94 -0.50
C ASN E 150 -6.18 55.01 -1.17
N VAL E 151 -5.08 54.59 -1.77
CA VAL E 151 -4.19 55.52 -2.45
C VAL E 151 -4.65 55.69 -3.89
N LYS E 152 -4.52 56.92 -4.39
CA LYS E 152 -4.74 57.22 -5.80
C LYS E 152 -3.39 57.60 -6.40
N TRP E 153 -2.85 56.72 -7.24
CA TRP E 153 -1.50 56.91 -7.77
C TRP E 153 -1.60 57.67 -9.09
N LYS E 154 -1.41 58.99 -9.00
CA LYS E 154 -1.42 59.85 -10.17
C LYS E 154 0.00 60.20 -10.56
N ILE E 155 0.30 60.10 -11.85
CA ILE E 155 1.63 60.38 -12.38
C ILE E 155 1.51 61.61 -13.28
N ASP E 156 2.37 62.60 -13.05
CA ASP E 156 2.27 63.90 -13.72
C ASP E 156 0.91 64.53 -13.50
N GLY E 157 0.23 64.12 -12.43
CA GLY E 157 -1.16 64.49 -12.21
C GLY E 157 -2.16 63.59 -12.90
N SER E 158 -1.72 62.60 -13.66
CA SER E 158 -2.60 61.67 -14.34
C SER E 158 -2.56 60.31 -13.67
N GLU E 159 -3.73 59.70 -13.50
CA GLU E 159 -3.85 58.47 -12.74
C GLU E 159 -3.11 57.32 -13.41
N ARG E 160 -2.60 56.40 -12.58
CA ARG E 160 -1.90 55.21 -13.06
C ARG E 160 -2.28 54.03 -12.17
N GLN E 161 -2.51 52.88 -12.79
CA GLN E 161 -2.93 51.67 -12.09
C GLN E 161 -2.14 50.46 -12.59
N ASN E 162 -0.82 50.60 -12.69
CA ASN E 162 0.04 49.52 -13.16
C ASN E 162 1.13 49.22 -12.14
N GLY E 163 1.33 47.94 -11.87
CA GLY E 163 2.43 47.48 -11.04
C GLY E 163 2.42 48.01 -9.62
N VAL E 164 1.23 48.19 -9.04
CA VAL E 164 1.10 48.82 -7.72
C VAL E 164 1.10 47.74 -6.65
N LEU E 165 1.80 48.02 -5.55
CA LEU E 165 1.74 47.20 -4.35
C LEU E 165 1.26 48.05 -3.19
N ASN E 166 0.58 47.42 -2.24
CA ASN E 166 0.11 48.12 -1.06
C ASN E 166 0.13 47.17 0.12
N SER E 167 0.72 47.61 1.22
CA SER E 167 0.77 46.83 2.46
C SER E 167 0.37 47.74 3.62
N TRP E 168 -0.61 47.30 4.39
CA TRP E 168 -1.05 48.03 5.57
C TRP E 168 -0.53 47.34 6.82
N THR E 169 0.04 48.12 7.73
CA THR E 169 0.39 47.54 9.01
C THR E 169 -0.87 47.22 9.80
N ASP E 170 -0.72 46.39 10.83
CA ASP E 170 -1.82 46.12 11.72
C ASP E 170 -1.97 47.29 12.68
N GLN E 171 -2.88 47.17 13.63
CA GLN E 171 -3.09 48.25 14.58
C GLN E 171 -1.87 48.47 15.45
N ASP E 172 -1.51 49.72 15.65
CA ASP E 172 -0.35 50.06 16.48
C ASP E 172 -0.66 49.78 17.95
N SER E 173 0.41 49.51 18.71
CA SER E 173 0.28 49.13 20.11
C SER E 173 0.52 50.30 21.06
N LYS E 174 0.65 51.52 20.55
CA LYS E 174 0.84 52.70 21.39
C LYS E 174 -0.34 53.64 21.32
N ASP E 175 -0.72 54.07 20.12
CA ASP E 175 -1.88 54.91 19.91
C ASP E 175 -2.94 54.29 19.00
N SER E 176 -2.75 53.04 18.58
CA SER E 176 -3.73 52.28 17.81
C SER E 176 -4.13 53.00 16.51
N THR E 177 -3.13 53.52 15.82
CA THR E 177 -3.33 54.10 14.50
C THR E 177 -2.87 53.12 13.44
N TYR E 178 -3.24 53.40 12.20
CA TYR E 178 -2.85 52.58 11.06
C TYR E 178 -1.92 53.36 10.15
N SER E 179 -1.06 52.63 9.45
CA SER E 179 -0.18 53.27 8.49
C SER E 179 -0.11 52.40 7.25
N MET E 180 0.08 53.05 6.10
CA MET E 180 -0.04 52.40 4.80
C MET E 180 1.15 52.73 3.93
N SER E 181 1.72 51.72 3.29
CA SER E 181 2.82 51.92 2.36
C SER E 181 2.32 51.69 0.93
N SER E 182 2.63 52.64 0.06
CA SER E 182 2.24 52.58 -1.35
C SER E 182 3.50 52.73 -2.18
N THR E 183 3.99 51.61 -2.70
CA THR E 183 5.15 51.63 -3.59
C THR E 183 4.69 51.59 -5.05
N LEU E 184 5.58 52.04 -5.93
CA LEU E 184 5.29 52.16 -7.36
C LEU E 184 6.53 51.73 -8.12
N THR E 185 6.53 50.49 -8.60
CA THR E 185 7.64 49.97 -9.37
C THR E 185 7.46 50.31 -10.84
N LEU E 186 8.50 50.87 -11.45
CA LEU E 186 8.47 51.25 -12.85
C LEU E 186 9.89 51.23 -13.39
N THR E 187 10.02 51.13 -14.70
CA THR E 187 11.34 51.10 -15.31
C THR E 187 12.02 52.45 -15.15
N LYS E 188 13.34 52.46 -15.43
CA LYS E 188 14.10 53.70 -15.33
C LYS E 188 13.55 54.78 -16.25
N ASP E 189 13.31 54.45 -17.52
CA ASP E 189 12.90 55.47 -18.47
C ASP E 189 11.60 56.15 -18.05
N GLU E 190 10.58 55.37 -17.66
CA GLU E 190 9.32 55.97 -17.22
C GLU E 190 9.54 56.91 -16.04
N TYR E 191 10.54 56.65 -15.21
CA TYR E 191 10.86 57.59 -14.14
C TYR E 191 11.57 58.83 -14.68
N GLU E 192 12.45 58.65 -15.68
CA GLU E 192 13.22 59.76 -16.22
C GLU E 192 12.41 60.64 -17.17
N ARG E 193 11.28 60.16 -17.69
CA ARG E 193 10.42 60.98 -18.54
C ARG E 193 9.54 61.92 -17.74
N HIS E 194 8.91 61.41 -16.68
CA HIS E 194 7.88 62.14 -15.97
C HIS E 194 8.46 62.87 -14.76
N ASN E 195 7.84 64.01 -14.43
CA ASN E 195 8.34 64.93 -13.43
C ASN E 195 7.53 64.91 -12.14
N SER E 196 6.21 64.91 -12.24
CA SER E 196 5.34 64.97 -11.08
C SER E 196 4.81 63.59 -10.72
N TYR E 197 4.72 63.32 -9.42
CA TYR E 197 4.25 62.03 -8.90
C TYR E 197 3.23 62.33 -7.80
N THR E 198 1.96 62.44 -8.19
CA THR E 198 0.89 62.84 -7.28
C THR E 198 0.41 61.61 -6.51
N CYS E 199 0.83 61.49 -5.26
CA CYS E 199 0.32 60.48 -4.35
C CYS E 199 -0.94 61.03 -3.69
N GLU E 200 -2.09 60.46 -4.02
CA GLU E 200 -3.38 60.92 -3.54
C GLU E 200 -4.01 59.86 -2.66
N ALA E 201 -4.49 60.26 -1.48
CA ALA E 201 -5.15 59.37 -0.54
C ALA E 201 -6.47 59.97 -0.14
N THR E 202 -7.54 59.17 -0.18
CA THR E 202 -8.89 59.62 0.14
C THR E 202 -9.26 59.04 1.50
N HIS E 203 -9.29 59.89 2.51
CA HIS E 203 -9.64 59.48 3.87
C HIS E 203 -11.00 60.04 4.24
N LYS E 204 -11.72 59.29 5.09
CA LYS E 204 -13.05 59.73 5.50
C LYS E 204 -13.03 60.94 6.42
N THR E 205 -11.87 61.30 6.97
CA THR E 205 -11.79 62.45 7.86
C THR E 205 -11.63 63.74 7.06
N SER E 206 -10.67 63.78 6.15
CA SER E 206 -10.48 64.95 5.31
C SER E 206 -11.62 65.09 4.31
N THR E 207 -12.05 66.32 4.07
CA THR E 207 -13.09 66.57 3.09
C THR E 207 -12.57 66.34 1.68
N SER E 208 -11.57 67.14 1.28
CA SER E 208 -10.90 66.88 0.01
C SER E 208 -9.85 65.79 0.19
N PRO E 209 -9.60 64.98 -0.83
CA PRO E 209 -8.54 63.97 -0.72
C PRO E 209 -7.18 64.63 -0.52
N ILE E 210 -6.38 64.04 0.36
CA ILE E 210 -5.04 64.55 0.63
C ILE E 210 -4.10 64.05 -0.46
N VAL E 211 -3.20 64.93 -0.90
CA VAL E 211 -2.33 64.63 -2.03
C VAL E 211 -0.89 64.94 -1.63
N LYS E 212 0.03 64.44 -2.45
CA LYS E 212 1.45 64.74 -2.31
C LYS E 212 2.13 64.50 -3.65
N SER E 213 2.85 65.51 -4.14
CA SER E 213 3.53 65.42 -5.41
C SER E 213 4.83 66.21 -5.36
N PHE E 214 5.84 65.70 -6.05
CA PHE E 214 7.13 66.37 -6.16
C PHE E 214 7.50 66.51 -7.62
N ASN E 215 8.28 67.55 -7.93
CA ASN E 215 8.78 67.79 -9.26
C ASN E 215 10.28 67.53 -9.29
N ARG E 216 10.69 66.49 -10.00
CA ARG E 216 12.09 66.08 -10.07
C ARG E 216 12.96 67.14 -10.74
N GLU F 1 -3.19 23.54 27.63
CA GLU F 1 -3.43 22.13 27.88
C GLU F 1 -2.79 21.26 26.80
N VAL F 2 -3.63 20.71 25.92
CA VAL F 2 -3.12 19.90 24.82
C VAL F 2 -2.27 20.76 23.90
N LYS F 3 -1.07 20.29 23.60
CA LYS F 3 -0.19 20.96 22.66
C LYS F 3 -0.24 20.22 21.34
N LEU F 4 -0.70 20.89 20.29
CA LEU F 4 -0.73 20.33 18.94
C LEU F 4 0.35 21.05 18.14
N GLN F 5 1.41 20.33 17.80
CA GLN F 5 2.56 20.90 17.12
C GLN F 5 2.72 20.24 15.77
N GLU F 6 2.95 21.04 14.74
CA GLU F 6 3.11 20.56 13.38
C GLU F 6 4.44 21.05 12.81
N SER F 7 4.66 20.79 11.52
CA SER F 7 5.95 21.07 10.91
C SER F 7 6.22 22.58 10.88
N GLY F 8 7.45 22.92 10.48
CA GLY F 8 7.88 24.30 10.42
C GLY F 8 7.54 24.95 9.10
N VAL F 9 8.15 26.13 8.88
CA VAL F 9 7.92 26.89 7.66
C VAL F 9 8.24 26.02 6.44
N GLU F 10 7.56 26.29 5.33
CA GLU F 10 7.62 25.43 4.17
C GLU F 10 7.86 26.26 2.91
N LEU F 11 8.66 25.71 1.99
CA LEU F 11 8.90 26.34 0.70
C LEU F 11 8.84 25.28 -0.37
N VAL F 12 8.19 25.60 -1.50
CA VAL F 12 8.01 24.66 -2.59
C VAL F 12 8.06 25.39 -3.93
N LYS F 13 8.38 24.63 -4.97
CA LYS F 13 8.25 25.04 -6.35
C LYS F 13 6.83 24.77 -6.84
N PRO F 14 6.34 25.56 -7.80
CA PRO F 14 5.03 25.24 -8.37
C PRO F 14 5.02 23.85 -8.98
N GLY F 15 3.86 23.20 -8.89
CA GLY F 15 3.71 21.86 -9.40
C GLY F 15 4.30 20.77 -8.55
N ALA F 16 4.87 21.09 -7.40
CA ALA F 16 5.53 20.11 -6.55
C ALA F 16 4.50 19.37 -5.71
N SER F 17 4.98 18.60 -4.72
CA SER F 17 4.11 17.88 -3.80
C SER F 17 4.74 17.97 -2.42
N VAL F 18 4.12 18.72 -1.52
CA VAL F 18 4.63 18.93 -0.17
C VAL F 18 3.79 18.15 0.82
N LYS F 19 4.44 17.60 1.83
CA LYS F 19 3.80 16.74 2.81
C LYS F 19 3.93 17.38 4.19
N ILE F 20 2.88 18.09 4.60
CA ILE F 20 2.87 18.81 5.87
C ILE F 20 2.61 17.81 6.99
N SER F 21 3.44 17.86 8.03
CA SER F 21 3.35 16.92 9.14
C SER F 21 2.76 17.62 10.36
N CYS F 22 1.79 16.96 11.01
CA CYS F 22 1.16 17.49 12.21
C CYS F 22 1.18 16.39 13.27
N LYS F 23 2.04 16.55 14.27
CA LYS F 23 2.13 15.57 15.34
C LYS F 23 1.20 15.93 16.48
N ALA F 24 0.57 14.91 17.06
CA ALA F 24 -0.35 15.09 18.17
C ALA F 24 0.38 14.83 19.48
N SER F 25 -0.05 15.53 20.52
CA SER F 25 0.54 15.33 21.84
C SER F 25 -0.46 15.78 22.90
N GLY F 26 -0.50 15.03 23.99
CA GLY F 26 -1.36 15.32 25.12
C GLY F 26 -2.66 14.56 25.13
N TYR F 27 -3.03 13.93 24.03
CA TYR F 27 -4.26 13.15 23.95
C TYR F 27 -4.01 11.88 23.16
N SER F 28 -4.94 10.95 23.27
CA SER F 28 -4.86 9.71 22.51
C SER F 28 -5.16 10.01 21.04
N PHE F 29 -4.11 10.07 20.22
CA PHE F 29 -4.27 10.46 18.82
C PHE F 29 -5.18 9.51 18.06
N THR F 30 -5.29 8.26 18.52
CA THR F 30 -6.13 7.31 17.82
C THR F 30 -7.61 7.64 17.92
N GLY F 31 -8.02 8.43 18.90
CA GLY F 31 -9.44 8.61 19.16
C GLY F 31 -9.96 10.02 18.99
N TYR F 32 -9.31 10.82 18.16
CA TYR F 32 -9.79 12.15 17.85
C TYR F 32 -9.43 12.48 16.41
N ASN F 33 -10.40 12.96 15.65
CA ASN F 33 -10.19 13.19 14.23
C ASN F 33 -9.49 14.53 14.01
N MET F 34 -8.46 14.53 13.19
CA MET F 34 -7.70 15.73 12.89
C MET F 34 -8.32 16.44 11.71
N ASN F 35 -8.58 17.74 11.88
CA ASN F 35 -9.15 18.56 10.82
C ASN F 35 -8.06 19.43 10.22
N TRP F 36 -7.98 19.44 8.90
CA TRP F 36 -7.02 20.27 8.19
C TRP F 36 -7.73 21.47 7.61
N VAL F 37 -7.24 22.67 7.96
CA VAL F 37 -7.85 23.91 7.51
C VAL F 37 -6.77 24.91 7.17
N LYS F 38 -6.92 25.58 6.03
CA LYS F 38 -5.92 26.50 5.52
C LYS F 38 -6.39 27.94 5.64
N GLN F 39 -5.46 28.83 6.00
CA GLN F 39 -5.75 30.25 6.10
C GLN F 39 -4.97 30.98 5.03
N SER F 40 -5.67 31.70 4.16
CA SER F 40 -5.04 32.40 3.05
C SER F 40 -4.22 33.57 3.56
N HIS F 41 -3.66 34.35 2.65
CA HIS F 41 -2.74 35.44 3.00
C HIS F 41 -3.54 36.57 3.64
N GLY F 42 -3.83 36.38 4.92
CA GLY F 42 -4.62 37.34 5.66
C GLY F 42 -6.06 37.41 5.19
N LYS F 43 -6.79 36.33 5.38
CA LYS F 43 -8.17 36.24 4.92
C LYS F 43 -8.90 35.19 5.76
N SER F 44 -10.07 34.79 5.31
CA SER F 44 -10.85 33.79 6.02
C SER F 44 -10.20 32.41 5.88
N LEU F 45 -10.64 31.50 6.74
CA LEU F 45 -10.16 30.12 6.69
C LEU F 45 -10.91 29.35 5.62
N GLU F 46 -10.57 28.08 5.48
CA GLU F 46 -11.28 27.19 4.58
C GLU F 46 -10.94 25.77 4.98
N TRP F 47 -11.95 24.99 5.35
CA TRP F 47 -11.74 23.66 5.88
C TRP F 47 -11.46 22.70 4.74
N ILE F 48 -10.32 22.01 4.82
CA ILE F 48 -9.76 21.28 3.69
C ILE F 48 -9.44 19.85 4.04
N GLY F 49 -10.20 19.27 4.96
CA GLY F 49 -10.07 17.85 5.22
C GLY F 49 -10.27 17.46 6.67
N ASN F 50 -10.74 16.23 6.88
CA ASN F 50 -10.98 15.72 8.22
C ASN F 50 -10.53 14.26 8.18
N ILE F 51 -9.35 13.99 8.71
CA ILE F 51 -8.79 12.65 8.71
C ILE F 51 -9.18 11.96 10.00
N SER F 52 -9.67 10.72 9.87
CA SER F 52 -10.01 9.94 11.05
C SER F 52 -8.86 9.00 11.32
N PRO F 53 -8.07 9.22 12.37
CA PRO F 53 -6.89 8.39 12.59
C PRO F 53 -7.21 6.93 12.75
N TYR F 54 -8.23 6.56 13.53
CA TYR F 54 -8.44 5.15 13.83
C TYR F 54 -8.70 4.35 12.56
N TYR F 55 -9.57 4.87 11.69
CA TYR F 55 -9.84 4.16 10.44
C TYR F 55 -8.88 4.55 9.34
N GLY F 56 -8.13 5.64 9.50
CA GLY F 56 -7.21 6.09 8.47
C GLY F 56 -7.85 6.69 7.25
N THR F 57 -9.17 6.78 7.21
CA THR F 57 -9.87 7.38 6.09
C THR F 57 -10.30 8.80 6.43
N SER F 58 -10.64 9.57 5.41
CA SER F 58 -10.92 10.98 5.59
C SER F 58 -12.05 11.42 4.68
N ILE F 59 -12.70 12.52 5.07
CA ILE F 59 -13.66 13.20 4.25
C ILE F 59 -13.03 14.50 3.78
N TYR F 60 -13.42 14.94 2.59
CA TYR F 60 -12.70 16.02 1.93
C TYR F 60 -13.65 17.12 1.50
N ASN F 61 -13.17 18.37 1.63
CA ASN F 61 -13.86 19.50 1.04
C ASN F 61 -14.05 19.25 -0.46
N GLN F 62 -15.14 19.79 -1.00
CA GLN F 62 -15.37 19.67 -2.43
C GLN F 62 -14.31 20.41 -3.24
N ASN F 63 -13.91 21.60 -2.78
CA ASN F 63 -12.93 22.40 -3.49
C ASN F 63 -11.52 21.83 -3.42
N PHE F 64 -11.28 20.82 -2.58
CA PHE F 64 -9.94 20.31 -2.36
C PHE F 64 -9.82 18.81 -2.56
N LYS F 65 -10.83 18.17 -3.15
CA LYS F 65 -10.74 16.74 -3.43
C LYS F 65 -9.73 16.52 -4.54
N GLY F 66 -8.63 15.84 -4.22
CA GLY F 66 -7.58 15.59 -5.20
C GLY F 66 -6.39 16.50 -5.01
N LYS F 67 -6.65 17.77 -4.68
CA LYS F 67 -5.59 18.72 -4.38
C LYS F 67 -5.02 18.52 -2.97
N ALA F 68 -5.40 17.43 -2.30
CA ALA F 68 -4.96 17.16 -0.95
C ALA F 68 -5.17 15.69 -0.66
N THR F 69 -4.34 15.13 0.21
CA THR F 69 -4.45 13.73 0.60
C THR F 69 -4.01 13.60 2.05
N LEU F 70 -4.94 13.21 2.92
CA LEU F 70 -4.66 13.09 4.34
C LEU F 70 -4.39 11.62 4.68
N THR F 71 -3.25 11.38 5.31
CA THR F 71 -2.94 10.08 5.89
C THR F 71 -2.35 10.30 7.27
N VAL F 72 -2.40 9.26 8.10
CA VAL F 72 -1.87 9.32 9.46
C VAL F 72 -1.13 8.03 9.76
N ASP F 73 -0.49 8.01 10.92
CA ASP F 73 0.18 6.83 11.46
C ASP F 73 -0.09 6.79 12.96
N ARG F 74 -0.90 5.81 13.39
CA ARG F 74 -1.30 5.75 14.80
C ARG F 74 -0.09 5.65 15.73
N SER F 75 0.88 4.81 15.37
CA SER F 75 2.06 4.66 16.21
C SER F 75 2.90 5.94 16.26
N SER F 76 3.04 6.61 15.11
CA SER F 76 3.84 7.83 15.07
C SER F 76 3.13 9.03 15.65
N SER F 77 1.81 8.95 15.82
CA SER F 77 1.00 10.04 16.37
C SER F 77 1.12 11.32 15.55
N THR F 78 1.44 11.18 14.26
CA THR F 78 1.57 12.31 13.36
C THR F 78 0.46 12.28 12.32
N ALA F 79 -0.12 13.45 12.06
CA ALA F 79 -1.12 13.62 11.01
C ALA F 79 -0.43 14.23 9.80
N TYR F 80 -0.62 13.62 8.64
CA TYR F 80 0.11 13.98 7.44
C TYR F 80 -0.86 14.53 6.40
N MET F 81 -0.55 15.70 5.87
CA MET F 81 -1.23 16.26 4.71
C MET F 81 -0.26 16.33 3.55
N GLN F 82 -0.67 15.84 2.39
CA GLN F 82 0.17 15.79 1.20
C GLN F 82 -0.50 16.57 0.08
N LEU F 83 -0.14 17.84 -0.07
CA LEU F 83 -0.66 18.64 -1.16
C LEU F 83 -0.14 18.12 -2.50
N ASN F 84 -0.99 18.19 -3.52
CA ASN F 84 -0.65 17.69 -4.84
C ASN F 84 -0.90 18.76 -5.89
N SER F 85 0.09 19.02 -6.74
CA SER F 85 -0.01 20.00 -7.82
C SER F 85 -0.47 21.35 -7.28
N LEU F 86 0.30 21.88 -6.32
CA LEU F 86 -0.11 23.07 -5.59
C LEU F 86 0.22 24.32 -6.40
N THR F 87 -0.83 25.00 -6.88
CA THR F 87 -0.71 26.15 -7.76
C THR F 87 -0.40 27.39 -6.92
N SER F 88 -0.48 28.57 -7.52
CA SER F 88 -0.21 29.81 -6.79
C SER F 88 -1.30 30.13 -5.77
N GLU F 89 -2.51 29.58 -5.94
CA GLU F 89 -3.58 29.81 -4.98
C GLU F 89 -3.37 29.07 -3.67
N ASP F 90 -2.37 28.18 -3.59
CA ASP F 90 -2.07 27.43 -2.38
C ASP F 90 -0.97 28.08 -1.56
N SER F 91 -0.85 29.40 -1.62
CA SER F 91 0.19 30.12 -0.89
C SER F 91 -0.42 30.62 0.42
N ALA F 92 -0.58 29.71 1.36
CA ALA F 92 -1.35 30.01 2.57
C ALA F 92 -0.70 29.33 3.76
N VAL F 93 -1.35 29.46 4.92
CA VAL F 93 -0.94 28.83 6.15
C VAL F 93 -1.91 27.69 6.44
N TYR F 94 -1.38 26.52 6.77
CA TYR F 94 -2.18 25.29 6.82
C TYR F 94 -2.25 24.77 8.25
N TYR F 95 -3.38 25.01 8.91
CA TYR F 95 -3.56 24.52 10.27
C TYR F 95 -4.13 23.11 10.28
N CYS F 96 -3.60 22.28 11.18
CA CYS F 96 -4.25 21.06 11.58
C CYS F 96 -4.92 21.29 12.92
N ALA F 97 -6.08 20.69 13.13
CA ALA F 97 -6.80 20.93 14.36
C ALA F 97 -7.59 19.71 14.78
N ARG F 98 -7.28 19.18 15.96
CA ARG F 98 -8.08 18.10 16.53
C ARG F 98 -9.47 18.59 16.80
N GLY F 99 -10.47 17.90 16.25
CA GLY F 99 -11.78 18.50 16.32
C GLY F 99 -13.02 17.65 16.42
N GLU F 100 -12.86 16.35 16.68
CA GLU F 100 -14.04 15.51 16.82
C GLU F 100 -13.66 14.19 17.47
N SER F 101 -14.38 13.79 18.51
CA SER F 101 -14.00 12.57 19.18
C SER F 101 -14.41 11.36 18.37
N PHE F 102 -13.68 10.26 18.58
CA PHE F 102 -14.11 9.00 18.01
C PHE F 102 -15.31 8.44 18.76
N SER F 103 -15.28 8.54 20.09
CA SER F 103 -16.45 8.21 20.89
C SER F 103 -17.49 9.31 20.89
N ASN F 104 -17.16 10.47 20.32
CA ASN F 104 -18.05 11.64 20.29
C ASN F 104 -18.47 12.03 21.71
N TYR F 105 -17.61 11.75 22.69
CA TYR F 105 -17.82 12.25 24.05
C TYR F 105 -17.17 13.63 24.18
N GLU F 106 -17.69 14.56 23.40
CA GLU F 106 -17.25 15.93 23.54
C GLU F 106 -18.36 16.96 23.43
N GLY F 107 -19.54 16.61 22.93
CA GLY F 107 -20.55 17.63 22.74
C GLY F 107 -20.38 18.29 21.39
N TYR F 108 -19.63 19.40 21.38
CA TYR F 108 -19.34 20.12 20.15
C TYR F 108 -18.61 19.23 19.18
N TYR F 109 -18.35 19.71 17.96
CA TYR F 109 -17.98 18.72 16.99
C TYR F 109 -17.03 19.29 15.94
N ALA F 110 -16.35 20.41 16.22
CA ALA F 110 -15.46 20.92 15.19
C ALA F 110 -13.98 21.06 15.50
N MET F 111 -13.60 21.86 16.50
CA MET F 111 -12.24 22.38 16.48
C MET F 111 -11.51 22.52 17.81
N ASP F 112 -11.49 21.48 18.66
CA ASP F 112 -10.89 21.56 19.98
C ASP F 112 -9.59 22.37 20.05
N TYR F 113 -8.54 21.91 19.38
CA TYR F 113 -7.23 22.54 19.48
C TYR F 113 -6.57 22.54 18.12
N TRP F 114 -5.80 23.58 17.86
CA TRP F 114 -5.23 23.86 16.55
C TRP F 114 -3.72 23.79 16.58
N GLY F 115 -3.15 23.60 15.40
CA GLY F 115 -1.71 23.62 15.24
C GLY F 115 -1.14 25.01 15.42
N GLN F 116 0.04 25.24 14.85
CA GLN F 116 0.69 26.54 14.93
C GLN F 116 0.87 27.21 13.60
N GLY F 117 0.69 26.49 12.49
CA GLY F 117 0.80 27.11 11.17
C GLY F 117 2.04 26.71 10.41
N THR F 118 1.87 26.17 9.20
CA THR F 118 2.98 25.78 8.34
C THR F 118 2.89 26.62 7.07
N SER F 119 3.49 27.81 7.10
CA SER F 119 3.42 28.71 5.97
C SER F 119 3.91 28.00 4.72
N VAL F 120 3.01 27.78 3.77
CA VAL F 120 3.34 27.10 2.51
C VAL F 120 3.34 28.15 1.43
N ILE F 121 4.51 28.37 0.83
CA ILE F 121 4.72 29.44 -0.15
C ILE F 121 5.10 28.80 -1.48
N VAL F 122 4.40 29.18 -2.55
CA VAL F 122 4.68 28.68 -3.89
C VAL F 122 5.33 29.80 -4.69
N SER F 123 6.48 29.51 -5.29
CA SER F 123 7.21 30.47 -6.10
C SER F 123 8.41 29.76 -6.72
N SER F 124 9.05 30.46 -7.66
CA SER F 124 10.35 30.04 -8.13
C SER F 124 11.40 30.49 -7.11
N ALA F 125 11.73 29.60 -6.18
CA ALA F 125 12.47 29.97 -4.98
C ALA F 125 13.93 30.26 -5.32
N LYS F 126 14.13 31.42 -5.95
CA LYS F 126 15.45 31.98 -6.19
C LYS F 126 15.81 32.81 -4.97
N THR F 127 16.72 32.28 -4.14
CA THR F 127 17.04 32.90 -2.86
C THR F 127 17.86 34.17 -3.12
N THR F 128 17.20 35.15 -3.71
CA THR F 128 17.85 36.40 -4.07
C THR F 128 18.25 37.16 -2.81
N ALA F 129 19.44 37.73 -2.83
CA ALA F 129 19.89 38.57 -1.74
C ALA F 129 19.04 39.84 -1.71
N PRO F 130 18.77 40.37 -0.51
CA PRO F 130 17.91 41.56 -0.41
C PRO F 130 18.66 42.81 -0.84
N SER F 131 18.24 43.37 -1.97
CA SER F 131 18.71 44.69 -2.38
C SER F 131 17.94 45.72 -1.58
N VAL F 132 18.65 46.58 -0.86
CA VAL F 132 18.03 47.50 0.08
C VAL F 132 18.35 48.93 -0.36
N TYR F 133 17.45 49.85 -0.08
CA TYR F 133 17.51 51.19 -0.67
C TYR F 133 17.15 52.24 0.38
N PRO F 134 17.99 53.25 0.59
CA PRO F 134 17.68 54.27 1.61
C PRO F 134 16.70 55.31 1.11
N LEU F 135 15.46 55.25 1.57
CA LEU F 135 14.43 56.17 1.10
C LEU F 135 14.66 57.55 1.69
N ALA F 136 15.26 58.44 0.91
CA ALA F 136 15.53 59.81 1.30
C ALA F 136 14.25 60.64 1.32
N PRO F 137 14.24 61.78 2.02
CA PRO F 137 13.05 62.64 2.02
C PRO F 137 12.73 63.21 0.65
N VAL F 138 11.68 64.04 0.58
CA VAL F 138 11.14 64.51 -0.70
C VAL F 138 12.20 65.28 -1.48
N CYS F 139 12.62 66.42 -0.95
CA CYS F 139 13.64 67.24 -1.61
C CYS F 139 14.15 68.27 -0.62
N GLY F 140 15.45 68.25 -0.35
CA GLY F 140 16.10 69.31 0.40
C GLY F 140 15.63 69.49 1.83
N ASP F 141 14.93 68.49 2.38
CA ASP F 141 14.47 68.52 3.77
C ASP F 141 13.64 69.77 4.06
N THR F 142 12.48 69.82 3.41
CA THR F 142 11.57 70.94 3.60
C THR F 142 11.12 71.03 5.06
N SER F 143 10.71 72.23 5.45
CA SER F 143 10.41 72.52 6.85
C SER F 143 9.08 71.87 7.25
N GLY F 144 8.65 72.11 8.48
CA GLY F 144 7.42 71.53 8.99
C GLY F 144 7.57 71.03 10.42
N SER F 145 8.80 71.01 10.92
CA SER F 145 9.17 70.59 12.26
C SER F 145 8.86 69.11 12.52
N SER F 146 8.42 68.37 11.52
CA SER F 146 8.15 66.94 11.68
C SER F 146 8.38 66.28 10.33
N VAL F 147 9.56 65.69 10.14
CA VAL F 147 9.93 65.01 8.91
C VAL F 147 10.27 63.57 9.23
N THR F 148 9.79 62.66 8.38
CA THR F 148 10.00 61.24 8.57
C THR F 148 11.04 60.70 7.60
N LEU F 149 11.61 59.55 7.94
CA LEU F 149 12.61 58.89 7.13
C LEU F 149 12.14 57.48 6.81
N GLY F 150 12.32 57.07 5.56
CA GLY F 150 11.88 55.76 5.11
C GLY F 150 13.05 54.89 4.69
N CYS F 151 12.74 53.62 4.40
CA CYS F 151 13.74 52.66 4.00
C CYS F 151 13.02 51.52 3.28
N LEU F 152 13.57 51.11 2.14
CA LEU F 152 12.92 50.14 1.26
C LEU F 152 13.80 48.91 1.13
N VAL F 153 13.16 47.74 1.06
CA VAL F 153 13.84 46.47 0.87
C VAL F 153 13.08 45.70 -0.21
N LYS F 154 13.58 45.74 -1.44
CA LYS F 154 12.96 45.05 -2.55
C LYS F 154 13.85 43.90 -3.01
N GLY F 155 13.22 42.87 -3.58
CA GLY F 155 13.98 41.79 -4.17
C GLY F 155 14.67 40.88 -3.18
N TYR F 156 13.89 40.12 -2.42
CA TYR F 156 14.44 39.15 -1.49
C TYR F 156 13.48 37.98 -1.36
N PHE F 157 13.93 36.93 -0.69
CA PHE F 157 13.19 35.70 -0.49
C PHE F 157 13.94 34.86 0.54
N PRO F 158 13.26 34.24 1.51
CA PRO F 158 11.83 34.22 1.82
C PRO F 158 11.37 35.36 2.71
N GLU F 159 10.18 35.18 3.30
CA GLU F 159 9.51 36.25 4.03
C GLU F 159 10.34 36.85 5.17
N PRO F 160 10.93 36.05 6.09
CA PRO F 160 11.45 36.66 7.32
C PRO F 160 12.72 37.47 7.09
N VAL F 161 12.57 38.79 7.14
CA VAL F 161 13.69 39.72 7.03
C VAL F 161 13.52 40.78 8.11
N THR F 162 14.47 40.87 9.03
CA THR F 162 14.41 41.86 10.09
C THR F 162 14.93 43.18 9.56
N LEU F 163 14.28 44.27 9.98
CA LEU F 163 14.74 45.62 9.69
C LEU F 163 14.77 46.39 11.01
N THR F 164 15.93 46.95 11.33
CA THR F 164 16.10 47.77 12.51
C THR F 164 16.64 49.14 12.10
N TRP F 165 16.54 50.09 13.02
CA TRP F 165 16.95 51.47 12.77
C TRP F 165 18.07 51.81 13.73
N ASN F 166 19.24 52.12 13.19
CA ASN F 166 20.47 52.27 13.99
C ASN F 166 20.70 51.01 14.83
N SER F 167 20.51 49.86 14.19
CA SER F 167 20.68 48.56 14.82
C SER F 167 19.87 48.43 16.10
N GLY F 168 18.55 48.63 15.99
CA GLY F 168 17.68 48.42 17.11
C GLY F 168 17.82 49.40 18.24
N SER F 169 18.37 50.59 17.97
CA SER F 169 18.52 51.60 19.01
C SER F 169 17.33 52.55 19.03
N LEU F 170 17.09 53.22 17.90
CA LEU F 170 15.98 54.17 17.80
C LEU F 170 14.81 53.47 17.10
N SER F 171 13.94 52.86 17.91
CA SER F 171 12.74 52.21 17.41
C SER F 171 11.48 52.99 17.77
N SER F 172 11.59 54.31 17.86
CA SER F 172 10.46 55.17 18.15
C SER F 172 9.98 55.82 16.86
N GLY F 173 8.66 55.86 16.66
CA GLY F 173 8.13 56.37 15.42
C GLY F 173 8.39 55.48 14.23
N VAL F 174 8.79 54.24 14.46
CA VAL F 174 9.10 53.29 13.40
C VAL F 174 7.80 52.67 12.91
N HIS F 175 7.77 52.32 11.64
CA HIS F 175 6.69 51.53 11.06
C HIS F 175 7.31 50.49 10.13
N THR F 176 7.06 49.22 10.42
CA THR F 176 7.55 48.12 9.59
C THR F 176 6.35 47.42 8.95
N PHE F 177 6.46 47.17 7.67
CA PHE F 177 5.31 46.78 6.89
C PHE F 177 5.41 45.34 6.43
N PRO F 178 4.28 44.67 6.20
CA PRO F 178 4.31 43.25 5.87
C PRO F 178 5.10 42.98 4.60
N ALA F 179 5.76 41.82 4.59
CA ALA F 179 6.59 41.39 3.47
C ALA F 179 5.68 40.96 2.33
N VAL F 180 5.14 41.93 1.61
CA VAL F 180 4.19 41.66 0.55
C VAL F 180 4.89 40.92 -0.58
N LEU F 181 4.15 40.11 -1.32
CA LEU F 181 4.70 39.39 -2.45
C LEU F 181 4.46 40.16 -3.74
N GLN F 182 5.39 40.05 -4.68
CA GLN F 182 5.25 40.67 -5.99
C GLN F 182 6.03 39.82 -6.98
N SER F 183 5.31 38.98 -7.72
CA SER F 183 5.88 38.15 -8.79
C SER F 183 7.16 37.44 -8.33
N ASP F 184 6.98 36.63 -7.30
CA ASP F 184 7.99 35.69 -6.78
C ASP F 184 9.15 36.38 -6.06
N LEU F 185 9.07 37.68 -5.83
CA LEU F 185 10.06 38.36 -5.00
C LEU F 185 9.35 39.36 -4.09
N TYR F 186 9.70 39.32 -2.81
CA TYR F 186 9.02 40.11 -1.80
C TYR F 186 9.47 41.56 -1.82
N THR F 187 8.87 42.36 -0.94
CA THR F 187 9.21 43.78 -0.83
C THR F 187 8.86 44.25 0.56
N LEU F 188 9.86 44.41 1.42
CA LEU F 188 9.66 44.98 2.73
C LEU F 188 9.94 46.47 2.68
N SER F 189 9.10 47.24 3.34
CA SER F 189 9.29 48.68 3.44
C SER F 189 9.32 49.07 4.91
N SER F 190 9.83 50.26 5.19
CA SER F 190 9.89 50.73 6.56
C SER F 190 9.87 52.25 6.58
N SER F 191 9.54 52.80 7.74
CA SER F 191 9.48 54.24 7.91
C SER F 191 9.71 54.58 9.37
N VAL F 192 10.55 55.58 9.60
CA VAL F 192 10.77 56.12 10.94
C VAL F 192 10.47 57.61 10.89
N THR F 193 9.77 58.10 11.91
CA THR F 193 9.38 59.49 12.01
C THR F 193 10.16 60.15 13.14
N VAL F 194 10.84 61.25 12.83
CA VAL F 194 11.66 61.96 13.78
C VAL F 194 11.32 63.45 13.68
N THR F 195 11.98 64.24 14.50
CA THR F 195 11.87 65.69 14.43
C THR F 195 12.88 66.24 13.44
N SER F 196 12.54 67.38 12.84
CA SER F 196 13.41 68.02 11.86
C SER F 196 14.72 68.52 12.47
N SER F 197 14.82 68.57 13.79
CA SER F 197 16.06 68.95 14.45
C SER F 197 17.02 67.79 14.61
N THR F 198 16.51 66.59 14.85
CA THR F 198 17.38 65.42 15.04
C THR F 198 18.00 64.95 13.74
N TRP F 199 17.34 65.19 12.62
CA TRP F 199 17.95 64.81 11.34
C TRP F 199 18.11 66.04 10.47
N PRO F 200 19.20 66.14 9.69
CA PRO F 200 20.31 65.19 9.55
C PRO F 200 21.39 65.34 10.61
N SER F 201 21.04 65.91 11.77
CA SER F 201 22.02 66.06 12.84
C SER F 201 22.51 64.72 13.35
N GLN F 202 21.61 63.74 13.45
CA GLN F 202 21.96 62.41 13.92
C GLN F 202 22.08 61.47 12.74
N SER F 203 23.09 60.61 12.78
CA SER F 203 23.36 59.68 11.69
C SER F 203 22.38 58.51 11.78
N ILE F 204 21.34 58.55 10.97
CA ILE F 204 20.32 57.49 10.93
C ILE F 204 20.70 56.50 9.84
N THR F 205 20.75 55.22 10.20
CA THR F 205 21.09 54.16 9.26
C THR F 205 19.96 53.15 9.17
N CYS F 206 20.02 52.32 8.13
CA CYS F 206 19.06 51.25 7.90
C CYS F 206 19.83 49.96 7.68
N ASN F 207 19.43 48.90 8.38
CA ASN F 207 20.10 47.61 8.27
C ASN F 207 19.09 46.47 8.24
N VAL F 208 19.41 45.44 7.46
CA VAL F 208 18.56 44.27 7.32
C VAL F 208 19.29 43.06 7.87
N ALA F 209 18.57 41.94 7.96
CA ALA F 209 19.18 40.66 8.35
C ALA F 209 18.41 39.55 7.64
N HIS F 210 18.93 39.13 6.49
CA HIS F 210 18.31 38.06 5.74
C HIS F 210 19.03 36.75 6.02
N PRO F 211 18.39 35.76 6.62
CA PRO F 211 19.09 34.52 6.97
C PRO F 211 19.51 33.68 5.77
N ALA F 212 18.59 33.40 4.86
CA ALA F 212 18.86 32.48 3.76
C ALA F 212 19.87 33.04 2.76
N SER F 213 20.21 34.31 2.85
CA SER F 213 21.29 34.90 2.08
C SER F 213 22.45 35.36 2.96
N SER F 214 22.29 35.29 4.28
CA SER F 214 23.34 35.68 5.23
C SER F 214 23.84 37.10 4.95
N THR F 215 22.91 38.01 4.63
CA THR F 215 23.25 39.37 4.22
C THR F 215 22.92 40.34 5.34
N LYS F 216 23.84 41.26 5.60
CA LYS F 216 23.67 42.33 6.58
C LYS F 216 24.04 43.65 5.91
N VAL F 217 23.08 44.27 5.23
CA VAL F 217 23.33 45.51 4.52
C VAL F 217 23.16 46.67 5.50
N ASP F 218 24.15 47.57 5.54
CA ASP F 218 24.12 48.75 6.38
C ASP F 218 24.40 49.99 5.55
N LYS F 219 23.54 50.99 5.67
CA LYS F 219 23.62 52.21 4.88
C LYS F 219 22.99 53.34 5.68
N LYS F 220 23.46 54.56 5.49
CA LYS F 220 22.88 55.73 6.14
C LYS F 220 22.20 56.60 5.09
N ILE F 221 21.04 57.13 5.43
CA ILE F 221 20.22 57.89 4.49
C ILE F 221 20.88 59.24 4.24
N GLU F 222 20.96 59.63 2.96
CA GLU F 222 21.53 60.90 2.56
C GLU F 222 20.42 61.94 2.34
N PRO F 223 20.68 63.20 2.67
CA PRO F 223 19.72 64.26 2.31
C PRO F 223 19.92 64.67 0.86
N ARG F 224 18.85 64.56 0.09
CA ARG F 224 18.91 64.89 -1.34
C ARG F 224 19.06 66.38 -1.58
#